data_2QIE
#
_entry.id   2QIE
#
_cell.length_a   56.639
_cell.length_b   58.100
_cell.length_c   331.817
_cell.angle_alpha   90.00
_cell.angle_beta   90.00
_cell.angle_gamma   90.00
#
_symmetry.space_group_name_H-M   'P 2 2 21'
#
loop_
_entity.id
_entity.type
_entity.pdbx_description
1 polymer 'Molybdopterin-converting factor subunit 2'
2 polymer 'Molybdopterin synthase small subunit'
3 non-polymer "(2R,4AR,5AR,11AR,12AS)-8-AMINO-2-HYDROXY-4A,5A,9,11,11A,12A-HEXAHYDRO[1,3,2]DIOXAPHOSPHININO[4',5':5,6]PYRANO[3,2-G]PTERIDINE-10,12(4H,6H)-DIONE 2-OXIDE"
4 water water
#
loop_
_entity_poly.entity_id
_entity_poly.type
_entity_poly.pdbx_seq_one_letter_code
_entity_poly.pdbx_strand_id
1 'polypeptide(L)'
;MKQFEIVIEPIQTEQYREFTINEYQGAVVVFTGHVREWTKGVKTEYLEYEAYIPMAEKKLAQIGDEINEKWPGTITSIVH
RIGPLQISDIAVLIAVSSPHRKDAYRANEYAIERIKEIVPIWKKEIWEDGSKWQGHQKGNYEEAKREE
;
A,H,K,E
2 'polypeptide(L)' MKVLYFAEIKDILQKAQEDIVLEQALTVQQFEDLLFERYPQINNKKFQVAVNEEFVQKSDFIQPNDTVALIPPVSGG B,G,J,D
#
loop_
_chem_comp.id
_chem_comp.type
_chem_comp.name
_chem_comp.formula
8CS non-polymer '(2R,4AR,5AR,11AR,12AS)-8-AMINO-2-HYDROXY-4A,5A,9,11,11A,12A-HEXAHYDRO[1,3,2]DIOXAPHOSPHININO[4',5':5,6]PYRANO[3,2-G]PTERIDINE-10,12(4H,6H)-DIONE 2-OXIDE' 'C10 H12 N5 O7 P'
#
# COMPACT_ATOMS: atom_id res chain seq x y z
N MET A 1 -3.86 -25.32 -27.39
CA MET A 1 -3.38 -24.05 -26.76
C MET A 1 -3.31 -24.14 -25.22
N LYS A 2 -2.13 -23.80 -24.71
CA LYS A 2 -1.95 -23.47 -23.31
C LYS A 2 -2.01 -21.94 -23.18
N GLN A 3 -2.46 -21.47 -22.02
CA GLN A 3 -2.53 -20.04 -21.72
C GLN A 3 -1.12 -19.40 -21.71
N PHE A 4 -0.15 -20.14 -21.16
CA PHE A 4 1.25 -19.71 -21.17
C PHE A 4 2.13 -20.82 -21.75
N GLU A 5 2.71 -20.58 -22.92
CA GLU A 5 3.32 -21.66 -23.69
C GLU A 5 4.57 -21.27 -24.46
N ILE A 6 5.50 -22.21 -24.57
CA ILE A 6 6.61 -22.14 -25.53
C ILE A 6 6.29 -23.08 -26.71
N VAL A 7 6.45 -22.58 -27.93
CA VAL A 7 6.12 -23.35 -29.14
C VAL A 7 7.29 -23.38 -30.12
N ILE A 8 7.40 -24.46 -30.88
CA ILE A 8 8.34 -24.55 -32.00
C ILE A 8 7.64 -24.14 -33.30
N GLU A 9 6.35 -24.43 -33.36
CA GLU A 9 5.53 -24.24 -34.56
C GLU A 9 5.12 -22.76 -34.72
N PRO A 10 4.94 -22.26 -35.96
CA PRO A 10 4.45 -20.87 -36.13
C PRO A 10 3.21 -20.56 -35.31
N ILE A 11 3.22 -19.41 -34.65
CA ILE A 11 2.14 -19.01 -33.77
C ILE A 11 0.89 -18.66 -34.55
N GLN A 12 -0.22 -19.30 -34.19
CA GLN A 12 -1.52 -18.99 -34.77
C GLN A 12 -2.30 -18.08 -33.83
N THR A 13 -2.66 -16.91 -34.35
CA THR A 13 -2.82 -15.71 -33.51
C THR A 13 -4.22 -15.43 -32.98
N GLU A 14 -5.25 -15.56 -33.80
CA GLU A 14 -6.61 -15.17 -33.38
C GLU A 14 -7.08 -15.88 -32.10
N GLN A 15 -6.65 -17.12 -31.90
CA GLN A 15 -7.12 -17.88 -30.74
C GLN A 15 -6.76 -17.23 -29.40
N TYR A 16 -5.64 -16.52 -29.32
CA TYR A 16 -5.19 -15.94 -28.05
C TYR A 16 -6.07 -14.77 -27.64
N ARG A 17 -6.44 -13.94 -28.61
CA ARG A 17 -7.48 -12.94 -28.36
C ARG A 17 -8.71 -13.62 -27.81
N GLU A 18 -9.18 -14.65 -28.51
CA GLU A 18 -10.45 -15.32 -28.16
C GLU A 18 -10.43 -15.96 -26.78
N PHE A 19 -9.29 -16.50 -26.40
CA PHE A 19 -9.10 -17.04 -25.06
C PHE A 19 -9.37 -16.00 -23.97
N THR A 20 -8.97 -14.76 -24.20
CA THR A 20 -9.07 -13.72 -23.18
C THR A 20 -10.42 -13.04 -23.10
N ILE A 21 -11.30 -13.29 -24.07
CA ILE A 21 -12.56 -12.55 -24.13
C ILE A 21 -13.62 -13.15 -23.23
N ASN A 22 -14.37 -12.28 -22.58
CA ASN A 22 -15.67 -12.63 -22.01
C ASN A 22 -16.54 -11.37 -21.98
N GLU A 23 -17.78 -11.53 -21.51
CA GLU A 23 -18.80 -10.47 -21.49
C GLU A 23 -18.41 -9.24 -20.68
N TYR A 24 -17.47 -9.39 -19.76
CA TYR A 24 -16.99 -8.29 -18.92
C TYR A 24 -15.90 -7.45 -19.59
N GLN A 25 -15.27 -7.99 -20.63
CA GLN A 25 -14.09 -7.36 -21.22
C GLN A 25 -14.46 -6.37 -22.33
N GLY A 26 -14.00 -5.13 -22.18
CA GLY A 26 -14.26 -4.09 -23.18
C GLY A 26 -13.13 -3.92 -24.17
N ALA A 27 -11.93 -4.31 -23.77
CA ALA A 27 -10.74 -4.08 -24.57
C ALA A 27 -9.83 -5.29 -24.53
N VAL A 28 -9.27 -5.61 -25.68
CA VAL A 28 -8.18 -6.56 -25.77
C VAL A 28 -7.05 -5.84 -26.46
N VAL A 29 -5.84 -5.96 -25.89
CA VAL A 29 -4.65 -5.46 -26.55
C VAL A 29 -3.79 -6.69 -26.82
N VAL A 30 -3.35 -6.81 -28.07
CA VAL A 30 -2.45 -7.88 -28.48
C VAL A 30 -1.17 -7.27 -29.02
N PHE A 31 -0.05 -7.72 -28.45
CA PHE A 31 1.26 -7.34 -28.93
C PHE A 31 1.87 -8.53 -29.64
N THR A 32 2.36 -8.30 -30.85
CA THR A 32 3.19 -9.29 -31.52
C THR A 32 4.58 -8.74 -31.75
N GLY A 33 5.58 -9.57 -31.45
CA GLY A 33 6.99 -9.24 -31.71
C GLY A 33 7.42 -10.00 -32.94
N HIS A 34 7.88 -9.26 -33.96
CA HIS A 34 8.26 -9.81 -35.26
C HIS A 34 9.75 -9.64 -35.51
N VAL A 35 10.36 -10.59 -36.21
CA VAL A 35 11.78 -10.51 -36.54
C VAL A 35 12.02 -9.41 -37.59
N ARG A 36 12.98 -8.55 -37.30
CA ARG A 36 13.23 -7.33 -38.07
C ARG A 36 14.48 -7.50 -38.93
N GLU A 37 14.38 -7.19 -40.22
CA GLU A 37 15.55 -7.24 -41.14
C GLU A 37 16.56 -6.11 -40.86
N TRP A 38 16.05 -4.91 -40.58
CA TRP A 38 16.88 -3.71 -40.42
C TRP A 38 16.74 -3.06 -39.06
N THR A 39 17.87 -2.88 -38.38
CA THR A 39 17.92 -2.19 -37.11
C THR A 39 18.93 -1.06 -37.22
N LYS A 40 18.43 0.15 -37.48
CA LYS A 40 19.23 1.37 -37.67
C LYS A 40 20.50 1.12 -38.48
N GLY A 41 20.31 0.67 -39.72
CA GLY A 41 21.42 0.42 -40.64
C GLY A 41 21.90 -1.02 -40.70
N VAL A 42 21.85 -1.71 -39.57
CA VAL A 42 22.32 -3.10 -39.44
C VAL A 42 21.32 -4.10 -40.06
N LYS A 43 21.85 -5.13 -40.71
CA LYS A 43 21.06 -6.15 -41.39
C LYS A 43 21.06 -7.48 -40.62
N THR A 44 19.86 -7.97 -40.28
CA THR A 44 19.68 -9.32 -39.72
C THR A 44 19.27 -10.30 -40.82
N GLU A 45 19.98 -11.41 -40.92
CA GLU A 45 19.62 -12.51 -41.82
C GLU A 45 18.40 -13.24 -41.24
N TYR A 46 18.59 -13.76 -40.03
CA TYR A 46 17.54 -14.43 -39.28
C TYR A 46 17.91 -14.52 -37.80
N LEU A 47 16.93 -14.90 -36.98
CA LEU A 47 17.15 -15.06 -35.54
C LEU A 47 17.06 -16.51 -35.15
N GLU A 48 17.61 -16.83 -33.99
CA GLU A 48 17.51 -18.15 -33.43
C GLU A 48 17.28 -18.00 -31.93
N TYR A 49 16.07 -18.35 -31.50
CA TYR A 49 15.74 -18.34 -30.07
C TYR A 49 15.95 -19.72 -29.48
N GLU A 50 16.45 -19.77 -28.26
CA GLU A 50 16.37 -20.97 -27.45
C GLU A 50 15.88 -20.58 -26.05
N ALA A 51 15.53 -21.59 -25.25
CA ALA A 51 14.85 -21.36 -23.99
C ALA A 51 15.02 -22.50 -23.01
N TYR A 52 14.86 -22.17 -21.72
CA TYR A 52 14.72 -23.17 -20.68
C TYR A 52 13.21 -23.34 -20.49
N ILE A 53 12.66 -24.26 -21.28
CA ILE A 53 11.19 -24.35 -21.51
C ILE A 53 10.36 -24.41 -20.22
N PRO A 54 10.60 -25.40 -19.35
CA PRO A 54 9.77 -25.50 -18.16
C PRO A 54 9.85 -24.30 -17.23
N MET A 55 11.01 -23.67 -17.14
CA MET A 55 11.18 -22.47 -16.32
C MET A 55 10.56 -21.26 -17.02
N ALA A 56 10.76 -21.17 -18.32
CA ALA A 56 10.23 -20.05 -19.08
C ALA A 56 8.70 -20.06 -19.01
N GLU A 57 8.10 -21.25 -19.07
CA GLU A 57 6.64 -21.35 -18.94
C GLU A 57 6.17 -21.00 -17.52
N LYS A 58 6.92 -21.44 -16.50
CA LYS A 58 6.64 -20.98 -15.12
C LYS A 58 6.70 -19.45 -14.98
N LYS A 59 7.72 -18.84 -15.57
CA LYS A 59 7.96 -17.39 -15.45
C LYS A 59 6.89 -16.57 -16.19
N LEU A 60 6.40 -17.11 -17.30
CA LEU A 60 5.31 -16.44 -18.04
C LEU A 60 4.02 -16.43 -17.22
N ALA A 61 3.73 -17.55 -16.57
CA ALA A 61 2.57 -17.65 -15.68
C ALA A 61 2.69 -16.71 -14.49
N GLN A 62 3.92 -16.52 -14.01
CA GLN A 62 4.19 -15.59 -12.92
C GLN A 62 3.87 -14.15 -13.30
N ILE A 63 4.02 -13.84 -14.58
CA ILE A 63 3.69 -12.50 -15.07
C ILE A 63 2.18 -12.33 -15.14
N GLY A 64 1.49 -13.37 -15.62
CA GLY A 64 0.05 -13.42 -15.54
C GLY A 64 -0.46 -13.09 -14.15
N ASP A 65 0.12 -13.72 -13.13
CA ASP A 65 -0.21 -13.45 -11.73
C ASP A 65 0.04 -11.99 -11.31
N GLU A 66 1.19 -11.46 -11.70
CA GLU A 66 1.54 -10.08 -11.39
C GLU A 66 0.53 -9.12 -12.01
N ILE A 67 0.13 -9.41 -13.23
CA ILE A 67 -0.86 -8.61 -13.92
C ILE A 67 -2.22 -8.71 -13.23
N ASN A 68 -2.63 -9.91 -12.86
CA ASN A 68 -3.88 -10.08 -12.11
C ASN A 68 -3.86 -9.33 -10.79
N GLU A 69 -2.68 -9.27 -10.18
CA GLU A 69 -2.45 -8.53 -8.94
C GLU A 69 -2.62 -7.01 -9.13
N LYS A 70 -1.89 -6.46 -10.10
CA LYS A 70 -1.86 -5.01 -10.35
C LYS A 70 -3.08 -4.48 -11.10
N TRP A 71 -3.65 -5.29 -11.98
CA TRP A 71 -4.83 -4.89 -12.75
C TRP A 71 -5.92 -5.95 -12.62
N PRO A 72 -6.64 -5.93 -11.50
CA PRO A 72 -7.73 -6.88 -11.31
C PRO A 72 -8.71 -6.81 -12.47
N GLY A 73 -9.20 -7.98 -12.89
CA GLY A 73 -10.15 -8.07 -13.98
C GLY A 73 -9.51 -8.42 -15.32
N THR A 74 -8.19 -8.37 -15.40
CA THR A 74 -7.49 -8.73 -16.61
C THR A 74 -7.44 -10.25 -16.77
N ILE A 75 -7.47 -10.71 -18.02
CA ILE A 75 -7.08 -12.07 -18.40
C ILE A 75 -5.92 -11.90 -19.38
N THR A 76 -4.94 -12.77 -19.26
CA THR A 76 -3.68 -12.64 -19.95
C THR A 76 -3.31 -14.00 -20.53
N SER A 77 -2.73 -13.95 -21.74
CA SER A 77 -2.17 -15.14 -22.36
C SER A 77 -0.93 -14.76 -23.13
N ILE A 78 0.07 -15.64 -23.06
CA ILE A 78 1.38 -15.36 -23.64
C ILE A 78 1.98 -16.59 -24.25
N VAL A 79 2.46 -16.44 -25.47
CA VAL A 79 3.13 -17.51 -26.17
C VAL A 79 4.44 -16.96 -26.75
N HIS A 80 5.50 -17.74 -26.62
CA HIS A 80 6.78 -17.42 -27.21
C HIS A 80 7.28 -18.60 -28.06
N ARG A 81 7.75 -18.27 -29.26
CA ARG A 81 8.25 -19.26 -30.19
C ARG A 81 9.77 -19.41 -30.03
N ILE A 82 10.31 -20.59 -30.37
CA ILE A 82 11.76 -20.81 -30.39
C ILE A 82 12.23 -21.48 -31.69
N GLY A 83 13.54 -21.62 -31.84
CA GLY A 83 14.14 -22.15 -33.05
C GLY A 83 14.56 -21.04 -34.01
N PRO A 84 14.86 -21.40 -35.26
CA PRO A 84 15.22 -20.39 -36.27
C PRO A 84 13.97 -19.66 -36.75
N LEU A 85 14.02 -18.34 -36.79
CA LEU A 85 12.87 -17.51 -37.18
C LEU A 85 13.24 -16.55 -38.30
N GLN A 86 12.43 -16.53 -39.36
CA GLN A 86 12.68 -15.69 -40.54
C GLN A 86 12.16 -14.27 -40.36
N ILE A 87 12.55 -13.39 -41.28
CA ILE A 87 12.09 -12.00 -41.31
C ILE A 87 10.57 -11.95 -41.19
N SER A 88 10.10 -11.13 -40.25
CA SER A 88 8.68 -10.88 -40.00
C SER A 88 7.90 -12.02 -39.31
N ASP A 89 8.57 -13.12 -38.98
CA ASP A 89 7.95 -14.20 -38.20
C ASP A 89 7.65 -13.71 -36.79
N ILE A 90 6.53 -14.15 -36.23
CA ILE A 90 6.15 -13.78 -34.86
C ILE A 90 6.91 -14.63 -33.82
N ALA A 91 7.74 -13.96 -33.01
CA ALA A 91 8.48 -14.65 -31.96
C ALA A 91 7.71 -14.66 -30.63
N VAL A 92 6.92 -13.62 -30.39
CA VAL A 92 6.15 -13.52 -29.14
C VAL A 92 4.78 -12.92 -29.39
N LEU A 93 3.78 -13.40 -28.67
CA LEU A 93 2.46 -12.79 -28.70
C LEU A 93 1.96 -12.62 -27.27
N ILE A 94 1.36 -11.47 -27.01
CA ILE A 94 0.86 -11.12 -25.69
C ILE A 94 -0.55 -10.60 -25.85
N ALA A 95 -1.51 -11.28 -25.24
CA ALA A 95 -2.90 -10.86 -25.30
C ALA A 95 -3.37 -10.57 -23.90
N VAL A 96 -3.92 -9.37 -23.73
CA VAL A 96 -4.52 -8.96 -22.47
C VAL A 96 -5.91 -8.39 -22.75
N SER A 97 -6.92 -8.95 -22.08
CA SER A 97 -8.26 -8.37 -22.01
C SER A 97 -8.48 -7.71 -20.66
N SER A 98 -9.32 -6.69 -20.65
CA SER A 98 -9.72 -5.98 -19.43
C SER A 98 -11.06 -5.32 -19.67
N PRO A 99 -11.87 -5.14 -18.61
CA PRO A 99 -13.07 -4.32 -18.75
C PRO A 99 -12.82 -2.98 -19.42
N HIS A 100 -11.71 -2.33 -19.05
CA HIS A 100 -11.41 -1.02 -19.60
C HIS A 100 -10.04 -0.92 -20.27
N ARG A 101 -9.95 0.01 -21.21
CA ARG A 101 -8.86 0.03 -22.19
C ARG A 101 -7.48 0.37 -21.60
N LYS A 102 -7.43 1.31 -20.66
CA LYS A 102 -6.16 1.73 -20.07
C LYS A 102 -5.43 0.56 -19.41
N ASP A 103 -6.13 -0.21 -18.57
CA ASP A 103 -5.54 -1.42 -17.94
C ASP A 103 -5.00 -2.38 -19.00
N ALA A 104 -5.78 -2.61 -20.05
CA ALA A 104 -5.36 -3.48 -21.16
C ALA A 104 -4.03 -3.06 -21.75
N TYR A 105 -3.88 -1.78 -22.10
CA TYR A 105 -2.59 -1.25 -22.59
C TYR A 105 -1.45 -1.30 -21.54
N ARG A 106 -1.74 -0.89 -20.30
CA ARG A 106 -0.74 -0.89 -19.22
C ARG A 106 -0.26 -2.31 -18.93
N ALA A 107 -1.20 -3.23 -18.82
CA ALA A 107 -0.89 -4.60 -18.47
C ALA A 107 -0.06 -5.26 -19.57
N ASN A 108 -0.42 -5.04 -20.83
CA ASN A 108 0.30 -5.63 -21.95
C ASN A 108 1.74 -5.14 -21.96
N GLU A 109 1.92 -3.83 -21.83
CA GLU A 109 3.26 -3.27 -21.83
C GLU A 109 4.12 -3.73 -20.64
N TYR A 110 3.52 -3.90 -19.48
CA TYR A 110 4.23 -4.48 -18.34
C TYR A 110 4.73 -5.89 -18.68
N ALA A 111 3.84 -6.70 -19.26
CA ALA A 111 4.18 -8.06 -19.65
C ALA A 111 5.44 -8.16 -20.53
N ILE A 112 5.48 -7.38 -21.60
CA ILE A 112 6.64 -7.41 -22.48
C ILE A 112 7.90 -6.97 -21.74
N GLU A 113 7.76 -5.97 -20.87
CA GLU A 113 8.90 -5.48 -20.09
C GLU A 113 9.45 -6.58 -19.21
N ARG A 114 8.56 -7.26 -18.52
CA ARG A 114 8.95 -8.31 -17.58
C ARG A 114 9.59 -9.52 -18.26
N ILE A 115 9.12 -9.85 -19.46
CA ILE A 115 9.67 -10.95 -20.25
C ILE A 115 11.13 -10.69 -20.58
N LYS A 116 11.42 -9.44 -20.94
CA LYS A 116 12.79 -8.99 -21.25
C LYS A 116 13.68 -8.98 -20.01
N GLU A 117 13.06 -9.04 -18.84
CA GLU A 117 13.73 -8.96 -17.57
C GLU A 117 13.99 -10.31 -16.90
N ILE A 118 13.00 -11.19 -16.87
CA ILE A 118 13.10 -12.42 -16.05
C ILE A 118 13.04 -13.77 -16.77
N VAL A 119 12.36 -13.85 -17.91
CA VAL A 119 12.08 -15.14 -18.55
C VAL A 119 13.30 -15.74 -19.27
N PRO A 120 13.70 -16.98 -18.91
CA PRO A 120 14.88 -17.61 -19.54
C PRO A 120 14.68 -17.99 -21.03
N ILE A 121 14.89 -16.98 -21.87
CA ILE A 121 14.85 -17.11 -23.32
C ILE A 121 15.96 -16.24 -23.88
N TRP A 122 16.62 -16.73 -24.92
CA TRP A 122 17.75 -16.02 -25.51
C TRP A 122 17.65 -16.00 -27.02
N LYS A 123 17.97 -14.86 -27.63
CA LYS A 123 17.98 -14.72 -29.07
C LYS A 123 19.40 -14.56 -29.57
N LYS A 124 19.66 -15.16 -30.74
CA LYS A 124 20.95 -15.11 -31.39
C LYS A 124 20.79 -14.38 -32.71
N GLU A 125 21.41 -13.22 -32.84
CA GLU A 125 21.39 -12.50 -34.11
C GLU A 125 22.36 -13.18 -35.08
N ILE A 126 21.88 -13.58 -36.24
CA ILE A 126 22.76 -13.95 -37.34
C ILE A 126 22.72 -12.86 -38.42
N TRP A 127 23.90 -12.39 -38.81
CA TRP A 127 24.08 -11.57 -40.02
C TRP A 127 24.98 -12.35 -41.00
N GLU A 128 25.29 -11.77 -42.15
CA GLU A 128 26.10 -12.46 -43.17
C GLU A 128 27.55 -12.72 -42.73
N ASP A 129 28.06 -11.85 -41.86
CA ASP A 129 29.46 -11.88 -41.41
C ASP A 129 29.71 -12.78 -40.18
N GLY A 130 28.66 -13.14 -39.46
CA GLY A 130 28.79 -13.94 -38.24
C GLY A 130 27.52 -13.93 -37.41
N SER A 131 27.68 -14.03 -36.10
CA SER A 131 26.54 -14.09 -35.17
C SER A 131 26.96 -13.81 -33.73
N LYS A 132 25.97 -13.60 -32.87
CA LYS A 132 26.20 -13.22 -31.46
C LYS A 132 24.94 -13.40 -30.63
N TRP A 133 25.05 -13.98 -29.43
CA TRP A 133 23.93 -13.98 -28.47
C TRP A 133 23.74 -12.59 -27.85
N GLN A 134 22.50 -12.16 -27.74
CA GLN A 134 22.18 -10.84 -27.19
C GLN A 134 22.04 -10.88 -25.68
N GLY A 135 22.39 -9.76 -25.04
CA GLY A 135 22.22 -9.55 -23.60
C GLY A 135 20.99 -8.70 -23.39
N HIS A 136 21.16 -7.53 -22.78
CA HIS A 136 20.06 -6.58 -22.64
C HIS A 136 20.17 -5.47 -23.68
N MET B 1 23.37 -34.65 -9.77
CA MET B 1 23.01 -33.23 -10.07
C MET B 1 23.19 -32.95 -11.56
N LYS B 2 22.13 -32.42 -12.17
CA LYS B 2 22.11 -32.18 -13.60
C LYS B 2 22.37 -30.70 -13.80
N VAL B 3 23.48 -30.37 -14.45
CA VAL B 3 23.77 -28.99 -14.80
C VAL B 3 23.32 -28.75 -16.23
N LEU B 4 22.62 -27.64 -16.47
CA LEU B 4 22.15 -27.27 -17.82
C LEU B 4 22.82 -25.97 -18.29
N TYR B 5 23.20 -25.93 -19.55
CA TYR B 5 23.87 -24.76 -20.15
C TYR B 5 23.11 -24.22 -21.36
N PHE B 6 23.10 -22.91 -21.53
CA PHE B 6 22.31 -22.27 -22.56
C PHE B 6 23.07 -21.10 -23.20
N ALA B 7 22.64 -20.74 -24.39
CA ALA B 7 23.16 -19.59 -25.12
C ALA B 7 24.67 -19.67 -25.26
N GLU B 8 25.39 -18.64 -24.84
CA GLU B 8 26.81 -18.52 -25.16
C GLU B 8 27.66 -19.55 -24.42
N ILE B 9 27.20 -19.96 -23.24
CA ILE B 9 27.94 -20.90 -22.40
C ILE B 9 27.85 -22.31 -22.97
N LYS B 10 26.64 -22.68 -23.41
CA LYS B 10 26.43 -23.92 -24.17
C LYS B 10 27.42 -23.97 -25.34
N ASP B 11 27.54 -22.85 -26.04
CA ASP B 11 28.45 -22.75 -27.18
C ASP B 11 29.90 -22.91 -26.77
N ILE B 12 30.31 -22.23 -25.70
CA ILE B 12 31.71 -22.29 -25.28
C ILE B 12 32.08 -23.67 -24.77
N LEU B 13 31.27 -24.21 -23.87
CA LEU B 13 31.53 -25.53 -23.28
C LEU B 13 31.32 -26.68 -24.26
N GLN B 14 30.75 -26.37 -25.42
CA GLN B 14 30.48 -27.35 -26.47
C GLN B 14 29.66 -28.51 -25.93
N LYS B 15 28.72 -28.19 -25.04
CA LYS B 15 27.81 -29.18 -24.48
C LYS B 15 26.56 -28.52 -23.87
N ALA B 16 25.46 -29.27 -23.89
CA ALA B 16 24.15 -28.77 -23.50
C ALA B 16 23.86 -29.04 -22.03
N GLN B 17 24.40 -30.15 -21.51
CA GLN B 17 24.19 -30.51 -20.11
C GLN B 17 25.25 -31.48 -19.60
N GLU B 18 25.23 -31.74 -18.30
CA GLU B 18 26.04 -32.83 -17.72
C GLU B 18 25.60 -33.18 -16.31
N ASP B 19 26.09 -34.31 -15.82
CA ASP B 19 25.78 -34.81 -14.47
C ASP B 19 27.05 -34.89 -13.66
N ILE B 20 27.05 -34.19 -12.54
CA ILE B 20 28.17 -34.20 -11.60
C ILE B 20 27.64 -34.84 -10.33
N VAL B 21 28.35 -35.83 -9.83
CA VAL B 21 28.00 -36.54 -8.61
C VAL B 21 28.44 -35.67 -7.41
N LEU B 22 27.51 -35.49 -6.48
CA LEU B 22 27.77 -34.76 -5.25
C LEU B 22 27.56 -35.70 -4.09
N GLU B 23 28.52 -35.73 -3.17
CA GLU B 23 28.35 -36.53 -1.96
C GLU B 23 27.43 -35.78 -1.02
N GLN B 24 27.71 -34.51 -0.80
CA GLN B 24 26.90 -33.68 0.11
C GLN B 24 26.42 -32.40 -0.56
N ALA B 25 25.43 -31.78 0.05
CA ALA B 25 24.93 -30.50 -0.42
C ALA B 25 25.99 -29.41 -0.29
N LEU B 26 25.86 -28.38 -1.11
CA LEU B 26 26.82 -27.27 -1.16
C LEU B 26 26.14 -25.99 -1.63
N THR B 27 26.70 -24.83 -1.29
CA THR B 27 26.09 -23.54 -1.63
C THR B 27 26.28 -23.19 -3.10
N VAL B 28 25.43 -22.32 -3.61
CA VAL B 28 25.59 -21.86 -4.99
C VAL B 28 26.99 -21.28 -5.18
N GLN B 29 27.48 -20.56 -4.19
CA GLN B 29 28.85 -20.03 -4.27
C GLN B 29 29.89 -21.13 -4.47
N GLN B 30 29.85 -22.17 -3.64
CA GLN B 30 30.79 -23.30 -3.74
C GLN B 30 30.62 -24.03 -5.06
N PHE B 31 29.39 -24.09 -5.57
CA PHE B 31 29.13 -24.65 -6.89
C PHE B 31 29.81 -23.88 -8.03
N GLU B 32 29.74 -22.55 -7.99
CA GLU B 32 30.43 -21.72 -8.97
C GLU B 32 31.95 -21.93 -8.94
N ASP B 33 32.52 -22.01 -7.75
CA ASP B 33 33.95 -22.28 -7.56
C ASP B 33 34.33 -23.59 -8.23
N LEU B 34 33.48 -24.59 -8.07
CA LEU B 34 33.66 -25.91 -8.70
C LEU B 34 33.64 -25.80 -10.23
N LEU B 35 32.67 -25.06 -10.74
CA LEU B 35 32.45 -24.89 -12.17
C LEU B 35 33.59 -24.14 -12.85
N PHE B 36 34.07 -23.09 -12.19
CA PHE B 36 35.13 -22.26 -12.72
C PHE B 36 36.52 -22.90 -12.68
N GLU B 37 36.76 -23.81 -11.72
CA GLU B 37 38.03 -24.57 -11.69
C GLU B 37 38.05 -25.64 -12.80
N ARG B 38 36.88 -26.17 -13.11
CA ARG B 38 36.68 -27.11 -14.21
C ARG B 38 36.74 -26.41 -15.58
N TYR B 39 36.15 -25.22 -15.66
CA TYR B 39 35.98 -24.52 -16.93
C TYR B 39 36.44 -23.06 -16.88
N PRO B 40 37.74 -22.82 -16.69
CA PRO B 40 38.27 -21.43 -16.69
C PRO B 40 37.82 -20.55 -17.86
N GLN B 41 37.57 -21.15 -19.02
CA GLN B 41 37.10 -20.39 -20.20
C GLN B 41 35.74 -19.70 -20.03
N ILE B 42 34.97 -20.05 -19.00
CA ILE B 42 33.75 -19.29 -18.64
C ILE B 42 33.83 -18.55 -17.30
N ASN B 43 35.03 -18.32 -16.77
CA ASN B 43 35.14 -17.65 -15.47
C ASN B 43 34.88 -16.15 -15.51
N ASN B 44 34.75 -15.60 -16.72
CA ASN B 44 34.47 -14.18 -16.93
C ASN B 44 33.09 -13.90 -17.54
N LYS B 45 32.22 -14.91 -17.59
CA LYS B 45 30.89 -14.73 -18.19
C LYS B 45 29.82 -14.55 -17.13
N LYS B 46 28.94 -13.57 -17.35
CA LYS B 46 27.85 -13.29 -16.42
C LYS B 46 26.78 -14.37 -16.52
N PHE B 47 26.20 -14.72 -15.38
CA PHE B 47 24.97 -15.50 -15.33
C PHE B 47 24.37 -15.55 -13.92
N GLN B 48 23.06 -15.78 -13.84
CA GLN B 48 22.40 -16.18 -12.60
C GLN B 48 22.31 -17.70 -12.59
N VAL B 49 22.11 -18.27 -11.42
CA VAL B 49 21.93 -19.72 -11.28
C VAL B 49 20.48 -19.98 -10.90
N ALA B 50 19.91 -21.02 -11.50
CA ALA B 50 18.56 -21.45 -11.17
C ALA B 50 18.64 -22.85 -10.58
N VAL B 51 18.03 -23.05 -9.42
CA VAL B 51 17.97 -24.39 -8.81
C VAL B 51 16.54 -24.87 -8.88
N ASN B 52 16.32 -25.95 -9.61
CA ASN B 52 14.99 -26.50 -9.83
C ASN B 52 14.01 -25.42 -10.29
N GLU B 53 14.43 -24.67 -11.30
CA GLU B 53 13.57 -23.74 -12.04
C GLU B 53 13.16 -22.49 -11.23
N GLU B 54 13.92 -22.18 -10.19
CA GLU B 54 13.81 -20.90 -9.49
C GLU B 54 15.18 -20.27 -9.31
N PHE B 55 15.24 -18.96 -9.45
CA PHE B 55 16.48 -18.22 -9.23
C PHE B 55 16.85 -18.25 -7.75
N VAL B 56 18.14 -18.34 -7.47
CA VAL B 56 18.63 -18.39 -6.09
C VAL B 56 19.80 -17.44 -5.80
N GLN B 57 20.04 -17.23 -4.51
CA GLN B 57 21.17 -16.43 -4.01
C GLN B 57 22.40 -17.30 -3.78
N LYS B 58 23.55 -16.65 -3.70
CA LYS B 58 24.82 -17.38 -3.55
C LYS B 58 24.93 -18.18 -2.26
N SER B 59 24.20 -17.74 -1.22
CA SER B 59 24.15 -18.47 0.05
C SER B 59 23.11 -19.59 0.09
N ASP B 60 22.33 -19.75 -0.98
CA ASP B 60 21.31 -20.80 -1.02
C ASP B 60 21.97 -22.15 -1.34
N PHE B 61 21.33 -23.24 -0.90
CA PHE B 61 21.92 -24.59 -1.01
C PHE B 61 21.47 -25.41 -2.21
N ILE B 62 22.41 -26.15 -2.79
CA ILE B 62 22.12 -27.08 -3.89
C ILE B 62 22.23 -28.48 -3.34
N GLN B 63 21.18 -29.28 -3.55
CA GLN B 63 21.19 -30.69 -3.13
C GLN B 63 21.76 -31.57 -4.26
N PRO B 64 22.28 -32.75 -3.90
CA PRO B 64 22.81 -33.71 -4.89
C PRO B 64 21.84 -34.10 -6.02
N ASN B 65 20.57 -34.28 -5.69
CA ASN B 65 19.56 -34.65 -6.70
C ASN B 65 18.89 -33.43 -7.35
N ASP B 66 19.48 -32.24 -7.21
CA ASP B 66 18.86 -31.05 -7.78
C ASP B 66 19.21 -30.89 -9.25
N THR B 67 18.44 -30.05 -9.92
CA THR B 67 18.71 -29.62 -11.29
C THR B 67 19.12 -28.15 -11.23
N VAL B 68 20.26 -27.84 -11.84
CA VAL B 68 20.85 -26.52 -11.77
C VAL B 68 21.03 -25.96 -13.17
N ALA B 69 20.85 -24.66 -13.34
CA ALA B 69 20.87 -24.09 -14.67
C ALA B 69 21.58 -22.75 -14.68
N LEU B 70 22.55 -22.62 -15.58
CA LEU B 70 23.27 -21.36 -15.74
C LEU B 70 22.48 -20.49 -16.71
N ILE B 71 21.96 -19.39 -16.21
CA ILE B 71 21.09 -18.49 -16.97
C ILE B 71 21.84 -17.20 -17.33
N PRO B 72 22.39 -17.11 -18.55
CA PRO B 72 23.03 -15.86 -18.96
C PRO B 72 22.01 -14.75 -19.15
N PRO B 73 22.48 -13.48 -19.27
CA PRO B 73 21.54 -12.35 -19.42
C PRO B 73 20.48 -12.61 -20.50
N VAL B 74 19.23 -12.65 -20.06
CA VAL B 74 18.11 -12.98 -20.94
C VAL B 74 17.89 -11.95 -22.05
N SER B 75 17.33 -12.45 -23.14
CA SER B 75 17.09 -11.62 -24.33
C SER B 75 15.87 -12.17 -25.07
N GLY B 76 14.77 -12.32 -24.34
CA GLY B 76 13.52 -12.80 -24.90
C GLY B 76 12.76 -11.70 -25.59
N GLY B 77 11.59 -12.04 -26.14
CA GLY B 77 10.89 -11.19 -27.08
C GLY B 77 11.54 -11.20 -28.46
N MET C 1 22.31 -0.71 34.48
CA MET C 1 21.24 -0.71 33.44
C MET C 1 21.79 -0.90 32.03
N LYS C 2 21.30 -1.92 31.35
CA LYS C 2 21.41 -1.98 29.90
C LYS C 2 20.08 -1.52 29.28
N GLN C 3 20.16 -0.96 28.08
CA GLN C 3 18.98 -0.56 27.30
C GLN C 3 18.03 -1.72 27.04
N PHE C 4 18.61 -2.88 26.73
CA PHE C 4 17.86 -4.12 26.50
C PHE C 4 18.47 -5.23 27.36
N GLU C 5 17.68 -5.72 28.31
CA GLU C 5 18.22 -6.39 29.48
C GLU C 5 17.31 -7.51 29.97
N ILE C 6 17.90 -8.65 30.32
CA ILE C 6 17.22 -9.70 31.08
C ILE C 6 17.83 -9.68 32.47
N VAL C 7 16.99 -9.79 33.49
CA VAL C 7 17.43 -9.69 34.89
C VAL C 7 16.78 -10.76 35.76
N ILE C 8 17.35 -10.95 36.94
CA ILE C 8 16.78 -11.83 37.99
C ILE C 8 16.27 -11.04 39.20
N GLU C 9 16.94 -9.92 39.50
CA GLU C 9 16.59 -9.03 40.61
C GLU C 9 15.31 -8.26 40.26
N PRO C 10 14.50 -7.86 41.25
CA PRO C 10 13.28 -7.11 40.93
C PRO C 10 13.56 -5.79 40.21
N ILE C 11 12.73 -5.49 39.21
CA ILE C 11 12.92 -4.34 38.33
C ILE C 11 12.62 -3.01 39.04
N GLN C 12 13.64 -2.15 39.11
CA GLN C 12 13.47 -0.78 39.58
C GLN C 12 13.14 0.07 38.36
N THR C 13 12.05 0.83 38.45
CA THR C 13 11.36 1.36 37.27
C THR C 13 11.82 2.72 36.73
N GLU C 14 11.84 3.75 37.59
CA GLU C 14 12.21 5.13 37.22
C GLU C 14 13.35 5.28 36.20
N GLN C 15 14.46 4.59 36.42
CA GLN C 15 15.66 4.71 35.57
C GLN C 15 15.38 4.52 34.08
N TYR C 16 14.44 3.64 33.77
CA TYR C 16 14.07 3.32 32.39
C TYR C 16 13.37 4.50 31.68
N ARG C 17 12.45 5.16 32.36
CA ARG C 17 11.91 6.42 31.84
C ARG C 17 13.06 7.39 31.59
N GLU C 18 13.88 7.61 32.62
CA GLU C 18 14.97 8.60 32.53
C GLU C 18 15.92 8.33 31.37
N PHE C 19 16.22 7.06 31.14
CA PHE C 19 17.10 6.69 30.03
C PHE C 19 16.57 7.21 28.67
N THR C 20 15.26 7.17 28.49
CA THR C 20 14.64 7.53 27.21
C THR C 20 14.39 9.03 27.02
N ILE C 21 14.63 9.82 28.06
CA ILE C 21 14.30 11.24 28.05
C ILE C 21 15.41 12.09 27.44
N ASN C 22 15.01 13.06 26.62
CA ASN C 22 15.87 14.19 26.28
C ASN C 22 15.00 15.38 25.83
N GLU C 23 15.62 16.51 25.55
CA GLU C 23 14.92 17.79 25.32
C GLU C 23 14.02 17.80 24.08
N TYR C 24 14.29 16.91 23.14
CA TYR C 24 13.50 16.77 21.92
C TYR C 24 12.20 15.98 22.15
N GLN C 25 12.12 15.26 23.26
CA GLN C 25 11.03 14.33 23.51
C GLN C 25 9.93 14.98 24.35
N GLY C 26 8.68 14.75 23.96
CA GLY C 26 7.53 15.31 24.68
C GLY C 26 6.65 14.28 25.38
N ALA C 27 6.83 13.00 25.07
CA ALA C 27 6.04 11.94 25.66
C ALA C 27 6.90 10.75 25.99
N VAL C 28 6.58 10.10 27.10
CA VAL C 28 7.05 8.77 27.42
C VAL C 28 5.86 7.92 27.82
N VAL C 29 5.87 6.69 27.33
CA VAL C 29 4.89 5.68 27.68
C VAL C 29 5.66 4.49 28.25
N VAL C 30 5.32 4.10 29.48
CA VAL C 30 5.89 2.92 30.11
C VAL C 30 4.80 1.88 30.32
N PHE C 31 5.06 0.66 29.84
CA PHE C 31 4.18 -0.49 30.08
C PHE C 31 4.82 -1.43 31.08
N THR C 32 4.05 -1.87 32.07
CA THR C 32 4.49 -2.94 32.96
C THR C 32 3.51 -4.12 32.95
N GLY C 33 4.07 -5.31 32.75
CA GLY C 33 3.30 -6.55 32.88
C GLY C 33 3.47 -7.05 34.30
N HIS C 34 2.36 -7.27 35.00
CA HIS C 34 2.38 -7.73 36.39
C HIS C 34 1.73 -9.09 36.52
N VAL C 35 2.31 -9.95 37.36
CA VAL C 35 1.74 -11.28 37.55
C VAL C 35 0.33 -11.18 38.12
N ARG C 36 -0.62 -11.71 37.37
CA ARG C 36 -2.03 -11.68 37.71
C ARG C 36 -2.41 -12.96 38.45
N GLU C 37 -3.14 -12.84 39.55
CA GLU C 37 -3.63 -14.00 40.30
C GLU C 37 -4.81 -14.70 39.62
N TRP C 38 -5.76 -13.91 39.11
CA TRP C 38 -6.96 -14.44 38.47
C TRP C 38 -7.03 -14.11 36.99
N THR C 39 -7.06 -15.16 36.17
CA THR C 39 -7.24 -15.02 34.73
C THR C 39 -8.55 -15.70 34.35
N LYS C 40 -9.55 -14.88 34.03
CA LYS C 40 -10.86 -15.34 33.55
C LYS C 40 -11.45 -16.45 34.43
N GLY C 41 -11.47 -16.19 35.74
CA GLY C 41 -12.02 -17.14 36.71
C GLY C 41 -10.98 -18.06 37.36
N VAL C 42 -9.88 -18.30 36.65
CA VAL C 42 -8.92 -19.35 37.02
C VAL C 42 -7.74 -18.78 37.83
N LYS C 43 -7.50 -19.38 39.01
CA LYS C 43 -6.51 -18.89 39.98
C LYS C 43 -5.08 -19.30 39.62
N THR C 44 -4.11 -18.49 40.04
CA THR C 44 -2.68 -18.75 39.86
C THR C 44 -1.97 -18.65 41.21
N GLU C 45 -1.24 -19.71 41.57
CA GLU C 45 -0.48 -19.74 42.81
C GLU C 45 0.77 -18.86 42.67
N TYR C 46 1.55 -19.11 41.62
CA TYR C 46 2.60 -18.19 41.15
C TYR C 46 3.11 -18.55 39.74
N LEU C 47 3.99 -17.69 39.23
CA LEU C 47 4.58 -17.86 37.91
C LEU C 47 6.09 -18.05 38.00
N GLU C 48 6.64 -18.76 37.04
CA GLU C 48 8.09 -18.78 36.84
C GLU C 48 8.37 -18.51 35.38
N TYR C 49 9.34 -17.64 35.12
CA TYR C 49 9.78 -17.35 33.75
C TYR C 49 11.20 -17.88 33.56
N GLU C 50 11.52 -18.24 32.31
CA GLU C 50 12.92 -18.52 31.96
C GLU C 50 13.22 -18.15 30.52
N ALA C 51 14.51 -18.19 30.15
CA ALA C 51 14.95 -17.60 28.89
C ALA C 51 16.26 -18.14 28.34
N TYR C 52 16.41 -18.05 27.03
CA TYR C 52 17.71 -18.21 26.38
C TYR C 52 18.30 -16.79 26.29
N ILE C 53 18.99 -16.42 27.36
CA ILE C 53 19.38 -15.03 27.64
C ILE C 53 20.12 -14.32 26.49
N PRO C 54 21.30 -14.84 26.09
CA PRO C 54 22.02 -14.08 25.06
C PRO C 54 21.17 -13.82 23.82
N MET C 55 20.34 -14.80 23.45
CA MET C 55 19.47 -14.67 22.28
C MET C 55 18.24 -13.77 22.58
N ALA C 56 17.74 -13.87 23.81
CA ALA C 56 16.65 -13.02 24.27
C ALA C 56 17.01 -11.54 24.18
N GLU C 57 18.17 -11.19 24.73
CA GLU C 57 18.68 -9.82 24.66
C GLU C 57 18.94 -9.35 23.23
N LYS C 58 19.40 -10.25 22.36
CA LYS C 58 19.56 -9.90 20.94
C LYS C 58 18.20 -9.55 20.33
N LYS C 59 17.18 -10.36 20.63
CA LYS C 59 15.83 -10.16 20.09
C LYS C 59 15.14 -8.89 20.60
N LEU C 60 15.33 -8.57 21.88
CA LEU C 60 14.82 -7.31 22.41
C LEU C 60 15.46 -6.13 21.68
N ALA C 61 16.76 -6.22 21.43
CA ALA C 61 17.47 -5.17 20.68
C ALA C 61 16.97 -5.09 19.25
N GLN C 62 16.60 -6.22 18.68
CA GLN C 62 16.03 -6.25 17.34
C GLN C 62 14.69 -5.53 17.30
N ILE C 63 13.92 -5.67 18.38
CA ILE C 63 12.64 -4.97 18.48
C ILE C 63 12.84 -3.45 18.57
N GLY C 64 13.90 -3.03 19.25
CA GLY C 64 14.24 -1.60 19.30
C GLY C 64 14.58 -1.07 17.92
N ASP C 65 15.31 -1.88 17.15
CA ASP C 65 15.69 -1.54 15.78
C ASP C 65 14.48 -1.45 14.86
N GLU C 66 13.48 -2.30 15.08
CA GLU C 66 12.25 -2.25 14.30
C GLU C 66 11.44 -1.00 14.64
N ILE C 67 11.35 -0.71 15.93
CA ILE C 67 10.65 0.48 16.43
C ILE C 67 11.27 1.78 15.92
N ASN C 68 12.60 1.84 15.94
CA ASN C 68 13.33 3.00 15.42
C ASN C 68 13.06 3.25 13.93
N GLU C 69 12.76 2.17 13.22
CA GLU C 69 12.53 2.18 11.77
C GLU C 69 11.09 2.62 11.46
N LYS C 70 10.12 2.06 12.17
CA LYS C 70 8.69 2.37 11.93
C LYS C 70 8.26 3.72 12.51
N TRP C 71 8.95 4.18 13.55
CA TRP C 71 8.66 5.46 14.16
C TRP C 71 9.98 6.14 14.45
N PRO C 72 10.57 6.79 13.45
CA PRO C 72 11.82 7.50 13.69
C PRO C 72 11.65 8.63 14.69
N GLY C 73 12.64 8.80 15.57
CA GLY C 73 12.60 9.82 16.63
C GLY C 73 12.40 9.24 18.01
N THR C 74 12.01 7.98 18.09
CA THR C 74 11.74 7.33 19.37
C THR C 74 13.00 6.75 19.97
N ILE C 75 12.94 6.54 21.29
CA ILE C 75 13.99 5.86 22.03
C ILE C 75 13.27 4.82 22.88
N THR C 76 13.80 3.59 22.87
CA THR C 76 13.15 2.45 23.51
C THR C 76 14.07 1.76 24.50
N SER C 77 13.49 1.27 25.59
CA SER C 77 14.21 0.44 26.54
C SER C 77 13.32 -0.67 27.04
N ILE C 78 13.88 -1.87 27.14
CA ILE C 78 13.13 -3.04 27.52
C ILE C 78 13.91 -3.87 28.52
N VAL C 79 13.20 -4.35 29.52
CA VAL C 79 13.78 -5.28 30.49
C VAL C 79 12.73 -6.34 30.84
N HIS C 80 13.19 -7.58 30.94
CA HIS C 80 12.32 -8.68 31.29
C HIS C 80 12.99 -9.50 32.38
N ARG C 81 12.25 -9.77 33.45
CA ARG C 81 12.74 -10.52 34.60
C ARG C 81 12.40 -12.00 34.42
N ILE C 82 13.21 -12.88 35.01
CA ILE C 82 12.97 -14.32 34.98
C ILE C 82 13.05 -14.92 36.39
N GLY C 83 12.86 -16.24 36.50
CA GLY C 83 12.84 -16.92 37.80
C GLY C 83 11.43 -16.92 38.35
N PRO C 84 11.26 -17.35 39.62
CA PRO C 84 9.94 -17.34 40.25
C PRO C 84 9.45 -15.93 40.59
N LEU C 85 8.19 -15.65 40.28
CA LEU C 85 7.61 -14.32 40.44
C LEU C 85 6.30 -14.37 41.23
N GLN C 86 6.16 -13.49 42.21
CA GLN C 86 4.96 -13.44 43.04
C GLN C 86 3.89 -12.57 42.41
N ILE C 87 2.67 -12.73 42.90
CA ILE C 87 1.53 -11.92 42.45
C ILE C 87 1.90 -10.43 42.42
N SER C 88 1.56 -9.78 41.30
CA SER C 88 1.73 -8.34 41.10
C SER C 88 3.17 -7.87 40.87
N ASP C 89 4.14 -8.79 40.86
CA ASP C 89 5.52 -8.44 40.55
C ASP C 89 5.61 -8.08 39.08
N ILE C 90 6.56 -7.21 38.74
CA ILE C 90 6.77 -6.78 37.37
C ILE C 90 7.64 -7.78 36.61
N ALA C 91 7.04 -8.44 35.63
CA ALA C 91 7.77 -9.38 34.77
C ALA C 91 8.49 -8.66 33.64
N VAL C 92 7.91 -7.57 33.18
CA VAL C 92 8.39 -6.92 31.96
C VAL C 92 8.11 -5.43 32.00
N LEU C 93 9.08 -4.64 31.55
CA LEU C 93 8.91 -3.21 31.43
C LEU C 93 9.35 -2.77 30.04
N ILE C 94 8.54 -1.90 29.44
CA ILE C 94 8.85 -1.28 28.16
C ILE C 94 8.66 0.22 28.29
N ALA C 95 9.73 0.95 28.01
CA ALA C 95 9.70 2.38 27.99
C ALA C 95 10.00 2.84 26.58
N VAL C 96 9.16 3.76 26.07
CA VAL C 96 9.35 4.39 24.78
C VAL C 96 9.07 5.87 24.94
N SER C 97 9.95 6.70 24.41
CA SER C 97 9.77 8.14 24.41
C SER C 97 9.68 8.59 22.97
N SER C 98 9.03 9.73 22.74
CA SER C 98 8.87 10.26 21.39
C SER C 98 8.61 11.76 21.45
N PRO C 99 9.03 12.51 20.40
CA PRO C 99 8.69 13.93 20.36
C PRO C 99 7.20 14.17 20.58
N HIS C 100 6.34 13.41 19.91
CA HIS C 100 4.89 13.50 20.15
C HIS C 100 4.30 12.18 20.63
N ARG C 101 3.06 12.23 21.12
CA ARG C 101 2.49 11.16 21.94
C ARG C 101 2.09 9.90 21.18
N LYS C 102 1.43 10.07 20.03
CA LYS C 102 0.92 8.93 19.26
C LYS C 102 1.98 7.85 19.06
N ASP C 103 3.10 8.22 18.46
CA ASP C 103 4.20 7.28 18.24
C ASP C 103 4.63 6.53 19.51
N ALA C 104 4.68 7.22 20.64
CA ALA C 104 5.02 6.58 21.91
C ALA C 104 4.08 5.44 22.24
N TYR C 105 2.78 5.69 22.07
CA TYR C 105 1.76 4.68 22.34
C TYR C 105 1.83 3.53 21.34
N ARG C 106 1.83 3.87 20.06
CA ARG C 106 1.89 2.89 18.96
C ARG C 106 3.07 1.95 19.13
N ALA C 107 4.25 2.54 19.35
CA ALA C 107 5.49 1.79 19.38
C ALA C 107 5.60 0.95 20.63
N ASN C 108 5.03 1.44 21.73
CA ASN C 108 5.02 0.66 22.95
C ASN C 108 4.13 -0.58 22.81
N GLU C 109 2.91 -0.40 22.31
CA GLU C 109 2.03 -1.55 22.10
C GLU C 109 2.63 -2.55 21.08
N TYR C 110 3.33 -2.02 20.08
CA TYR C 110 3.99 -2.85 19.09
C TYR C 110 5.02 -3.78 19.75
N ALA C 111 5.71 -3.26 20.76
CA ALA C 111 6.82 -3.97 21.39
C ALA C 111 6.34 -5.11 22.26
N ILE C 112 5.26 -4.90 23.01
CA ILE C 112 4.73 -5.95 23.85
C ILE C 112 4.26 -7.14 22.99
N GLU C 113 3.63 -6.84 21.86
CA GLU C 113 3.11 -7.87 20.98
C GLU C 113 4.21 -8.60 20.23
N ARG C 114 5.28 -7.90 19.90
CA ARG C 114 6.45 -8.52 19.27
C ARG C 114 7.27 -9.33 20.26
N ILE C 115 7.28 -8.92 21.52
CA ILE C 115 7.95 -9.71 22.54
C ILE C 115 7.29 -11.08 22.66
N LYS C 116 5.96 -11.09 22.70
CA LYS C 116 5.21 -12.35 22.85
C LYS C 116 5.25 -13.23 21.61
N GLU C 117 5.68 -12.65 20.49
CA GLU C 117 5.72 -13.36 19.23
C GLU C 117 7.07 -14.03 18.96
N ILE C 118 8.17 -13.30 19.19
CA ILE C 118 9.49 -13.72 18.68
C ILE C 118 10.65 -13.85 19.69
N VAL C 119 10.42 -13.56 20.96
CA VAL C 119 11.53 -13.55 21.94
C VAL C 119 11.52 -14.85 22.75
N PRO C 120 12.66 -15.59 22.78
CA PRO C 120 12.72 -16.88 23.49
C PRO C 120 12.66 -16.76 25.02
N ILE C 121 11.44 -16.56 25.51
CA ILE C 121 11.13 -16.47 26.94
C ILE C 121 9.86 -17.26 27.21
N TRP C 122 9.75 -17.91 28.36
CA TRP C 122 8.63 -18.84 28.64
C TRP C 122 8.10 -18.78 30.06
N LYS C 123 6.79 -19.03 30.22
CA LYS C 123 6.15 -19.02 31.54
C LYS C 123 5.37 -20.30 31.89
N LYS C 124 5.83 -20.99 32.92
CA LYS C 124 5.10 -22.10 33.55
C LYS C 124 4.17 -21.55 34.62
N GLU C 125 2.86 -21.82 34.49
CA GLU C 125 1.85 -21.35 35.47
C GLU C 125 1.51 -22.40 36.53
N ILE C 126 1.78 -22.08 37.79
CA ILE C 126 1.61 -23.04 38.89
C ILE C 126 0.11 -23.18 39.23
N LYS C 132 2.61 -26.98 34.01
CA LYS C 132 1.89 -26.68 32.78
C LYS C 132 2.39 -25.36 32.16
N TRP C 133 3.14 -25.48 31.05
CA TRP C 133 3.68 -24.31 30.33
C TRP C 133 2.58 -23.64 29.49
N GLN C 134 2.96 -22.59 28.76
CA GLN C 134 2.07 -21.93 27.79
C GLN C 134 2.80 -21.84 26.44
N GLY C 135 2.02 -21.84 25.35
CA GLY C 135 2.52 -21.60 23.99
C GLY C 135 1.68 -20.55 23.25
N HIS C 136 0.90 -21.01 22.27
CA HIS C 136 -0.02 -20.17 21.47
C HIS C 136 0.47 -18.72 21.29
N MET D 1 30.08 -29.76 20.81
CA MET D 1 28.94 -29.05 20.16
C MET D 1 27.83 -28.83 21.15
N LYS D 2 27.70 -27.58 21.60
CA LYS D 2 26.74 -27.23 22.64
C LYS D 2 25.31 -27.43 22.17
N VAL D 3 24.58 -28.34 22.81
CA VAL D 3 23.13 -28.44 22.61
C VAL D 3 22.45 -27.94 23.89
N LEU D 4 21.57 -26.94 23.75
CA LEU D 4 20.82 -26.38 24.89
C LEU D 4 19.35 -26.80 24.83
N TYR D 5 18.76 -27.04 25.99
CA TYR D 5 17.35 -27.44 26.11
C TYR D 5 16.64 -26.55 27.13
N PHE D 6 15.40 -26.19 26.82
CA PHE D 6 14.61 -25.30 27.67
C PHE D 6 13.18 -25.82 27.84
N ALA D 7 12.47 -25.28 28.82
CA ALA D 7 11.07 -25.65 29.08
C ALA D 7 10.92 -27.15 29.35
N GLU D 8 9.82 -27.76 28.89
CA GLU D 8 9.55 -29.17 29.18
C GLU D 8 10.48 -30.16 28.47
N ILE D 9 11.20 -29.69 27.45
CA ILE D 9 12.22 -30.52 26.79
C ILE D 9 13.44 -30.70 27.71
N LYS D 10 13.75 -29.66 28.48
CA LYS D 10 14.73 -29.76 29.56
C LYS D 10 14.22 -30.67 30.67
N ASP D 11 12.91 -30.59 30.96
CA ASP D 11 12.29 -31.46 31.98
C ASP D 11 12.43 -32.93 31.61
N ILE D 12 11.98 -33.29 30.40
CA ILE D 12 11.96 -34.70 29.96
C ILE D 12 13.37 -35.29 29.84
N LEU D 13 14.28 -34.52 29.25
CA LEU D 13 15.68 -34.92 29.14
C LEU D 13 16.43 -34.75 30.45
N GLN D 14 15.84 -33.94 31.35
CA GLN D 14 16.38 -33.68 32.69
C GLN D 14 17.75 -32.99 32.64
N LYS D 15 17.99 -32.24 31.57
CA LYS D 15 19.25 -31.53 31.39
C LYS D 15 19.06 -30.23 30.59
N ALA D 16 19.91 -29.24 30.88
CA ALA D 16 19.93 -27.99 30.14
C ALA D 16 20.92 -28.10 29.00
N GLN D 17 22.17 -28.34 29.34
CA GLN D 17 23.26 -28.47 28.37
C GLN D 17 23.53 -29.93 28.05
N GLU D 18 24.09 -30.18 26.88
CA GLU D 18 24.88 -31.38 26.64
C GLU D 18 25.81 -31.14 25.47
N ASP D 19 26.97 -31.77 25.51
CA ASP D 19 28.00 -31.59 24.47
C ASP D 19 28.12 -32.86 23.63
N ILE D 20 27.83 -32.73 22.33
CA ILE D 20 27.89 -33.84 21.37
C ILE D 20 28.99 -33.53 20.36
N VAL D 21 30.02 -34.38 20.30
CA VAL D 21 31.13 -34.22 19.35
C VAL D 21 30.70 -34.61 17.93
N LEU D 22 30.46 -33.63 17.07
CA LEU D 22 29.98 -33.93 15.72
C LEU D 22 31.07 -34.52 14.86
N GLU D 23 30.76 -35.65 14.22
CA GLU D 23 31.68 -36.29 13.28
C GLU D 23 31.88 -35.38 12.05
N GLN D 24 30.82 -34.73 11.63
CA GLN D 24 30.91 -33.70 10.61
C GLN D 24 29.69 -32.81 10.70
N ALA D 25 29.73 -31.70 9.97
CA ALA D 25 28.61 -30.77 9.93
C ALA D 25 27.35 -31.47 9.35
N LEU D 26 26.21 -31.15 9.93
CA LEU D 26 24.91 -31.69 9.50
C LEU D 26 23.96 -30.54 9.22
N THR D 27 22.86 -30.84 8.53
CA THR D 27 21.77 -29.88 8.36
C THR D 27 20.91 -29.91 9.62
N VAL D 28 19.91 -29.03 9.68
CA VAL D 28 18.97 -28.99 10.80
C VAL D 28 18.04 -30.20 10.78
N GLN D 29 17.63 -30.63 9.58
CA GLN D 29 16.74 -31.80 9.45
C GLN D 29 17.45 -33.08 9.87
N GLN D 30 18.69 -33.26 9.41
CA GLN D 30 19.53 -34.37 9.87
C GLN D 30 19.66 -34.40 11.40
N PHE D 31 19.73 -33.22 12.01
CA PHE D 31 19.86 -33.10 13.47
C PHE D 31 18.57 -33.46 14.19
N GLU D 32 17.43 -32.95 13.72
CA GLU D 32 16.13 -33.37 14.23
C GLU D 32 16.02 -34.88 14.18
N ASP D 33 16.25 -35.44 13.00
CA ASP D 33 16.19 -36.87 12.78
C ASP D 33 17.01 -37.61 13.85
N LEU D 34 18.28 -37.24 13.98
CA LEU D 34 19.18 -37.91 14.94
C LEU D 34 18.80 -37.62 16.39
N LEU D 35 18.13 -36.50 16.61
CA LEU D 35 17.66 -36.16 17.95
C LEU D 35 16.62 -37.15 18.46
N PHE D 36 15.67 -37.51 17.58
CA PHE D 36 14.59 -38.43 17.96
C PHE D 36 15.08 -39.86 18.09
N GLU D 37 16.07 -40.22 17.29
CA GLU D 37 16.76 -41.50 17.40
C GLU D 37 17.39 -41.68 18.79
N ARG D 38 18.04 -40.63 19.28
CA ARG D 38 18.69 -40.66 20.59
C ARG D 38 17.67 -40.51 21.71
N TYR D 39 16.66 -39.66 21.48
CA TYR D 39 15.65 -39.33 22.49
C TYR D 39 14.22 -39.50 21.94
N PRO D 40 13.73 -40.75 21.90
CA PRO D 40 12.37 -41.05 21.43
C PRO D 40 11.25 -40.34 22.20
N GLN D 41 11.45 -40.16 23.49
CA GLN D 41 10.43 -39.61 24.39
C GLN D 41 10.01 -38.16 24.11
N ILE D 42 10.75 -37.46 23.24
CA ILE D 42 10.40 -36.07 22.91
C ILE D 42 9.84 -35.88 21.50
N ASN D 43 9.83 -36.95 20.69
CA ASN D 43 9.55 -36.82 19.25
C ASN D 43 8.17 -36.28 18.86
N ASN D 44 7.28 -36.14 19.85
CA ASN D 44 5.96 -35.57 19.62
C ASN D 44 5.90 -34.06 19.90
N LYS D 45 6.87 -33.56 20.65
CA LYS D 45 6.83 -32.19 21.18
C LYS D 45 7.23 -31.12 20.17
N LYS D 46 6.71 -29.91 20.39
CA LYS D 46 6.81 -28.81 19.43
C LYS D 46 7.95 -27.87 19.82
N PHE D 47 8.84 -27.57 18.88
CA PHE D 47 9.94 -26.63 19.15
C PHE D 47 10.58 -26.11 17.87
N GLN D 48 10.94 -24.82 17.87
CA GLN D 48 11.81 -24.26 16.84
C GLN D 48 13.25 -24.64 17.20
N VAL D 49 14.15 -24.51 16.24
CA VAL D 49 15.58 -24.70 16.48
C VAL D 49 16.32 -23.40 16.18
N ALA D 50 17.33 -23.11 17.00
CA ALA D 50 18.15 -21.92 16.84
C ALA D 50 19.63 -22.30 16.89
N VAL D 51 20.37 -21.83 15.89
CA VAL D 51 21.82 -22.02 15.84
C VAL D 51 22.53 -20.69 16.07
N ASN D 52 23.44 -20.67 17.06
CA ASN D 52 24.23 -19.49 17.41
C ASN D 52 23.36 -18.24 17.55
N GLU D 53 22.23 -18.44 18.23
CA GLU D 53 21.33 -17.37 18.61
C GLU D 53 20.58 -16.74 17.42
N GLU D 54 20.27 -17.58 16.44
CA GLU D 54 19.46 -17.18 15.29
C GLU D 54 18.46 -18.27 14.99
N PHE D 55 17.24 -17.90 14.60
CA PHE D 55 16.29 -18.87 14.06
C PHE D 55 16.79 -19.32 12.69
N VAL D 56 16.49 -20.57 12.33
CA VAL D 56 17.06 -21.20 11.13
C VAL D 56 16.07 -22.11 10.38
N GLN D 57 16.43 -22.38 9.12
CA GLN D 57 15.63 -23.20 8.21
C GLN D 57 15.87 -24.69 8.44
N LYS D 58 15.06 -25.53 7.78
CA LYS D 58 15.25 -26.99 7.83
C LYS D 58 16.59 -27.40 7.20
N SER D 59 17.03 -26.62 6.20
CA SER D 59 18.19 -26.95 5.36
C SER D 59 19.52 -26.33 5.81
N ASP D 60 19.50 -25.41 6.76
CA ASP D 60 20.73 -24.74 7.22
C ASP D 60 21.69 -25.71 7.90
N PHE D 61 22.98 -25.46 7.72
CA PHE D 61 24.01 -26.37 8.23
C PHE D 61 24.51 -25.98 9.61
N ILE D 62 24.78 -27.01 10.40
CA ILE D 62 25.28 -26.86 11.76
C ILE D 62 26.74 -27.29 11.75
N GLN D 63 27.59 -26.50 12.41
CA GLN D 63 29.01 -26.81 12.50
C GLN D 63 29.32 -27.53 13.82
N PRO D 64 30.44 -28.25 13.89
CA PRO D 64 30.80 -28.96 15.13
C PRO D 64 30.95 -28.09 16.38
N ASN D 65 31.37 -26.82 16.21
CA ASN D 65 31.59 -25.92 17.35
C ASN D 65 30.49 -24.87 17.53
N ASP D 66 29.35 -25.08 16.88
CA ASP D 66 28.19 -24.20 17.03
C ASP D 66 27.45 -24.51 18.34
N THR D 67 26.71 -23.51 18.81
CA THR D 67 25.74 -23.69 19.88
C THR D 67 24.38 -23.90 19.23
N VAL D 68 23.62 -24.85 19.74
CA VAL D 68 22.29 -25.17 19.21
C VAL D 68 21.30 -25.28 20.35
N ALA D 69 20.16 -24.59 20.20
CA ALA D 69 19.13 -24.55 21.23
C ALA D 69 17.77 -25.01 20.71
N LEU D 70 17.09 -25.82 21.51
CA LEU D 70 15.69 -26.17 21.25
C LEU D 70 14.77 -25.17 21.93
N ILE D 71 14.10 -24.38 21.11
CA ILE D 71 13.25 -23.29 21.56
C ILE D 71 11.78 -23.70 21.42
N PRO D 72 11.14 -24.10 22.53
CA PRO D 72 9.71 -24.39 22.42
C PRO D 72 8.93 -23.14 22.08
N PRO D 73 7.65 -23.30 21.68
CA PRO D 73 6.76 -22.16 21.47
C PRO D 73 6.87 -21.07 22.55
N VAL D 74 7.17 -19.86 22.12
CA VAL D 74 7.31 -18.68 22.99
C VAL D 74 6.03 -18.40 23.80
N SER D 75 6.22 -17.83 24.98
CA SER D 75 5.13 -17.38 25.84
C SER D 75 5.60 -16.27 26.80
N GLY D 76 6.34 -15.30 26.25
CA GLY D 76 6.93 -14.22 27.02
C GLY D 76 5.92 -13.19 27.50
N GLY D 77 6.43 -12.09 28.05
CA GLY D 77 5.59 -11.04 28.63
C GLY D 77 4.99 -11.45 29.97
N MET E 1 -1.32 11.49 48.54
CA MET E 1 -1.71 11.39 47.10
C MET E 1 -3.21 11.29 46.94
N LYS E 2 -3.79 12.24 46.21
CA LYS E 2 -5.16 12.10 45.70
C LYS E 2 -5.11 11.30 44.40
N GLN E 3 -6.15 10.51 44.16
CA GLN E 3 -6.30 9.76 42.91
C GLN E 3 -6.26 10.70 41.68
N PHE E 4 -6.95 11.83 41.77
CA PHE E 4 -6.93 12.87 40.73
C PHE E 4 -6.53 14.20 41.34
N GLU E 5 -5.44 14.80 40.84
CA GLU E 5 -4.80 15.89 41.57
C GLU E 5 -4.12 16.94 40.70
N ILE E 6 -4.18 18.20 41.16
CA ILE E 6 -3.32 19.27 40.65
C ILE E 6 -2.24 19.53 41.70
N VAL E 7 -0.99 19.68 41.25
CA VAL E 7 0.15 19.89 42.16
C VAL E 7 1.12 20.99 41.67
N ILE E 8 1.90 21.54 42.61
CA ILE E 8 3.03 22.43 42.29
C ILE E 8 4.39 21.75 42.45
N GLU E 9 4.54 20.87 43.45
CA GLU E 9 5.80 20.17 43.67
C GLU E 9 6.01 19.15 42.57
N PRO E 10 7.28 18.94 42.16
CA PRO E 10 7.56 17.98 41.09
C PRO E 10 6.90 16.62 41.32
N ILE E 11 6.43 16.00 40.26
CA ILE E 11 5.65 14.76 40.36
C ILE E 11 6.52 13.54 40.70
N GLN E 12 6.17 12.86 41.80
CA GLN E 12 6.85 11.64 42.24
C GLN E 12 6.11 10.47 41.61
N THR E 13 6.75 9.80 40.65
CA THR E 13 6.03 8.98 39.68
C THR E 13 5.61 7.59 40.16
N GLU E 14 6.53 6.85 40.76
CA GLU E 14 6.32 5.43 41.10
C GLU E 14 4.95 5.16 41.78
N GLN E 15 4.56 6.03 42.71
CA GLN E 15 3.37 5.81 43.55
C GLN E 15 2.05 5.68 42.75
N TYR E 16 1.99 6.34 41.60
CA TYR E 16 0.79 6.32 40.78
C TYR E 16 0.55 4.94 40.18
N ARG E 17 1.61 4.31 39.67
CA ARG E 17 1.54 2.93 39.25
C ARG E 17 1.08 2.01 40.39
N GLU E 18 1.67 2.19 41.56
CA GLU E 18 1.35 1.32 42.71
C GLU E 18 -0.12 1.41 43.13
N PHE E 19 -0.69 2.58 42.93
CA PHE E 19 -2.08 2.85 43.31
C PHE E 19 -3.06 2.03 42.47
N THR E 20 -2.78 1.89 41.18
CA THR E 20 -3.66 1.20 40.24
C THR E 20 -3.55 -0.32 40.28
N ILE E 21 -2.56 -0.85 40.99
CA ILE E 21 -2.28 -2.28 40.98
C ILE E 21 -3.08 -3.07 41.99
N ASN E 22 -3.58 -4.21 41.54
CA ASN E 22 -4.00 -5.28 42.45
C ASN E 22 -3.94 -6.62 41.71
N GLU E 23 -4.22 -7.69 42.44
CA GLU E 23 -4.06 -9.07 41.94
C GLU E 23 -4.77 -9.39 40.61
N TYR E 24 -5.78 -8.59 40.25
CA TYR E 24 -6.59 -8.83 39.03
C TYR E 24 -6.00 -8.19 37.79
N GLN E 25 -5.17 -7.16 38.00
CA GLN E 25 -4.60 -6.35 36.93
C GLN E 25 -3.29 -6.95 36.43
N GLY E 26 -3.20 -7.20 35.14
CA GLY E 26 -1.99 -7.77 34.53
C GLY E 26 -1.14 -6.73 33.83
N ALA E 27 -1.72 -5.55 33.60
CA ALA E 27 -1.07 -4.51 32.82
C ALA E 27 -1.22 -3.15 33.48
N VAL E 28 -0.14 -2.36 33.44
CA VAL E 28 -0.24 -0.95 33.74
C VAL E 28 0.47 -0.18 32.64
N VAL E 29 -0.17 0.92 32.25
CA VAL E 29 0.37 1.85 31.28
C VAL E 29 0.45 3.21 31.96
N VAL E 30 1.61 3.85 31.84
CA VAL E 30 1.84 5.16 32.40
C VAL E 30 2.38 6.07 31.29
N PHE E 31 1.62 7.13 31.05
CA PHE E 31 2.04 8.20 30.16
C PHE E 31 2.55 9.36 31.02
N THR E 32 3.68 9.91 30.62
CA THR E 32 4.18 11.17 31.17
C THR E 32 4.35 12.16 30.01
N GLY E 33 3.80 13.35 30.18
CA GLY E 33 4.00 14.46 29.25
C GLY E 33 5.11 15.32 29.83
N HIS E 34 6.17 15.50 29.04
CA HIS E 34 7.36 16.24 29.46
C HIS E 34 7.46 17.51 28.65
N VAL E 35 8.00 18.57 29.25
CA VAL E 35 8.22 19.82 28.54
C VAL E 35 9.26 19.61 27.44
N ARG E 36 8.83 19.79 26.20
CA ARG E 36 9.70 19.66 25.05
C ARG E 36 10.36 21.02 24.75
N GLU E 37 11.66 21.00 24.48
CA GLU E 37 12.40 22.22 24.14
C GLU E 37 12.21 22.60 22.68
N TRP E 38 12.28 21.60 21.82
CA TRP E 38 12.23 21.81 20.38
C TRP E 38 10.96 21.24 19.79
N THR E 39 10.14 22.08 19.18
CA THR E 39 8.92 21.62 18.51
C THR E 39 8.93 22.13 17.07
N LYS E 40 9.14 21.20 16.14
CA LYS E 40 9.15 21.51 14.73
C LYS E 40 10.09 22.67 14.41
N GLY E 41 11.26 22.66 15.04
CA GLY E 41 12.27 23.69 14.81
C GLY E 41 12.16 24.92 15.68
N VAL E 42 11.01 25.09 16.35
CA VAL E 42 10.80 26.24 17.24
C VAL E 42 11.21 25.86 18.67
N LYS E 43 11.97 26.74 19.31
CA LYS E 43 12.56 26.50 20.64
C LYS E 43 11.69 27.06 21.78
N THR E 44 11.64 26.31 22.89
CA THR E 44 10.95 26.76 24.11
C THR E 44 11.99 26.89 25.23
N GLU E 45 11.89 27.97 26.00
CA GLU E 45 12.80 28.20 27.14
C GLU E 45 12.22 27.52 28.37
N TYR E 46 10.95 27.82 28.64
CA TYR E 46 10.17 27.13 29.67
C TYR E 46 8.68 27.33 29.43
N LEU E 47 7.87 26.61 30.21
CA LEU E 47 6.43 26.77 30.16
C LEU E 47 5.89 27.18 31.52
N GLU E 48 4.92 28.09 31.49
CA GLU E 48 4.07 28.35 32.65
C GLU E 48 2.71 27.68 32.44
N TYR E 49 2.25 27.00 33.49
CA TYR E 49 0.92 26.40 33.54
C TYR E 49 0.15 27.08 34.67
N GLU E 50 -1.14 27.29 34.46
CA GLU E 50 -2.07 27.59 35.55
C GLU E 50 -3.37 26.83 35.35
N ALA E 51 -4.21 26.81 36.39
CA ALA E 51 -5.42 26.01 36.37
C ALA E 51 -6.49 26.56 37.32
N TYR E 52 -7.75 26.33 36.97
CA TYR E 52 -8.86 26.51 37.92
C TYR E 52 -8.93 25.22 38.69
N ILE E 53 -8.23 25.17 39.81
CA ILE E 53 -7.87 23.91 40.49
C ILE E 53 -9.04 23.02 40.93
N PRO E 54 -9.97 23.56 41.73
CA PRO E 54 -11.09 22.69 42.14
C PRO E 54 -11.90 22.11 40.97
N MET E 55 -12.05 22.87 39.89
CA MET E 55 -12.80 22.40 38.72
C MET E 55 -12.03 21.35 37.92
N ALA E 56 -10.73 21.59 37.74
CA ALA E 56 -9.89 20.67 37.01
C ALA E 56 -9.82 19.29 37.69
N GLU E 57 -9.73 19.27 39.01
CA GLU E 57 -9.74 18.00 39.74
C GLU E 57 -11.08 17.26 39.59
N LYS E 58 -12.18 18.01 39.49
CA LYS E 58 -13.48 17.39 39.18
C LYS E 58 -13.53 16.81 37.75
N LYS E 59 -12.89 17.51 36.83
CA LYS E 59 -12.89 17.10 35.43
C LYS E 59 -11.98 15.91 35.20
N LEU E 60 -10.82 15.91 35.84
CA LEU E 60 -9.96 14.71 35.87
C LEU E 60 -10.74 13.50 36.38
N ALA E 61 -11.41 13.68 37.51
CA ALA E 61 -12.25 12.64 38.10
C ALA E 61 -13.34 12.18 37.15
N GLN E 62 -13.87 13.11 36.37
CA GLN E 62 -14.93 12.80 35.41
C GLN E 62 -14.37 11.91 34.30
N ILE E 63 -13.16 12.20 33.85
CA ILE E 63 -12.48 11.36 32.86
C ILE E 63 -12.32 9.96 33.46
N GLY E 64 -11.92 9.90 34.72
CA GLY E 64 -11.86 8.64 35.46
C GLY E 64 -13.15 7.85 35.37
N ASP E 65 -14.28 8.52 35.57
CA ASP E 65 -15.59 7.89 35.52
C ASP E 65 -15.89 7.38 34.09
N GLU E 66 -15.61 8.24 33.10
CA GLU E 66 -15.85 7.89 31.69
C GLU E 66 -15.10 6.62 31.29
N ILE E 67 -13.85 6.56 31.73
CA ILE E 67 -12.99 5.40 31.49
C ILE E 67 -13.57 4.14 32.15
N ASN E 68 -14.09 4.31 33.36
CA ASN E 68 -14.74 3.23 34.11
C ASN E 68 -15.90 2.59 33.36
N GLU E 69 -16.62 3.42 32.62
CA GLU E 69 -17.81 3.01 31.88
C GLU E 69 -17.50 2.36 30.52
N LYS E 70 -16.45 2.86 29.87
CA LYS E 70 -16.04 2.37 28.55
C LYS E 70 -15.06 1.18 28.62
N TRP E 71 -14.23 1.16 29.66
CA TRP E 71 -13.31 0.06 29.91
C TRP E 71 -13.44 -0.45 31.36
N PRO E 72 -14.51 -1.22 31.64
CA PRO E 72 -14.71 -1.74 32.99
C PRO E 72 -13.60 -2.69 33.42
N GLY E 73 -13.23 -2.64 34.70
CA GLY E 73 -12.10 -3.38 35.24
C GLY E 73 -10.88 -2.49 35.43
N THR E 74 -10.88 -1.30 34.82
CA THR E 74 -9.75 -0.40 34.91
C THR E 74 -9.77 0.45 36.18
N ILE E 75 -8.57 0.84 36.57
CA ILE E 75 -8.33 1.81 37.62
C ILE E 75 -7.45 2.91 37.03
N THR E 76 -7.79 4.17 37.29
CA THR E 76 -7.12 5.31 36.70
C THR E 76 -6.67 6.28 37.77
N SER E 77 -5.45 6.80 37.61
CA SER E 77 -4.97 7.91 38.40
C SER E 77 -4.33 8.96 37.48
N ILE E 78 -4.70 10.22 37.69
CA ILE E 78 -4.12 11.33 36.95
C ILE E 78 -3.65 12.44 37.87
N VAL E 79 -2.47 12.99 37.56
CA VAL E 79 -1.95 14.18 38.23
C VAL E 79 -1.39 15.14 37.19
N HIS E 80 -1.56 16.44 37.44
CA HIS E 80 -1.06 17.48 36.56
C HIS E 80 -0.35 18.57 37.39
N ARG E 81 0.90 18.84 37.04
CA ARG E 81 1.67 19.90 37.68
C ARG E 81 1.33 21.24 37.06
N ILE E 82 1.36 22.29 37.88
CA ILE E 82 1.18 23.67 37.38
C ILE E 82 2.33 24.58 37.79
N GLY E 83 2.30 25.81 37.28
CA GLY E 83 3.33 26.79 37.53
C GLY E 83 4.43 26.72 36.49
N PRO E 84 5.58 27.32 36.79
CA PRO E 84 6.70 27.27 35.85
C PRO E 84 7.30 25.89 35.81
N LEU E 85 7.64 25.44 34.60
CA LEU E 85 8.18 24.10 34.33
C LEU E 85 9.35 24.13 33.34
N GLN E 86 10.46 23.49 33.72
CA GLN E 86 11.71 23.49 32.95
C GLN E 86 11.72 22.37 31.91
N ILE E 87 12.63 22.49 30.95
CA ILE E 87 12.79 21.48 29.92
C ILE E 87 12.88 20.08 30.52
N SER E 88 12.11 19.16 29.93
CA SER E 88 12.03 17.77 30.38
C SER E 88 11.27 17.53 31.71
N ASP E 89 10.80 18.60 32.36
CA ASP E 89 9.94 18.41 33.54
C ASP E 89 8.65 17.71 33.15
N ILE E 90 8.19 16.83 34.03
CA ILE E 90 6.92 16.14 33.88
C ILE E 90 5.78 17.12 34.18
N ALA E 91 4.92 17.32 33.19
CA ALA E 91 3.77 18.20 33.33
C ALA E 91 2.53 17.42 33.70
N VAL E 92 2.40 16.22 33.14
CA VAL E 92 1.22 15.40 33.39
C VAL E 92 1.60 13.94 33.46
N LEU E 93 0.88 13.19 34.27
CA LEU E 93 1.07 11.76 34.41
C LEU E 93 -0.27 11.06 34.53
N ILE E 94 -0.49 10.06 33.68
CA ILE E 94 -1.69 9.25 33.67
C ILE E 94 -1.28 7.80 33.83
N ALA E 95 -1.90 7.10 34.78
CA ALA E 95 -1.66 5.66 34.95
C ALA E 95 -2.96 4.89 34.83
N VAL E 96 -2.95 3.84 34.01
CA VAL E 96 -4.13 2.99 33.86
C VAL E 96 -3.77 1.53 34.01
N SER E 97 -4.39 0.85 34.96
CA SER E 97 -4.23 -0.60 35.08
C SER E 97 -5.45 -1.33 34.55
N SER E 98 -5.24 -2.60 34.20
CA SER E 98 -6.27 -3.45 33.59
C SER E 98 -5.86 -4.93 33.64
N PRO E 99 -6.85 -5.84 33.68
CA PRO E 99 -6.54 -7.26 33.62
C PRO E 99 -5.67 -7.65 32.42
N HIS E 100 -6.01 -7.13 31.24
CA HIS E 100 -5.25 -7.42 30.00
C HIS E 100 -4.84 -6.12 29.32
N ARG E 101 -3.87 -6.21 28.41
CA ARG E 101 -3.12 -5.00 27.99
C ARG E 101 -3.88 -3.95 27.18
N LYS E 102 -4.78 -4.34 26.29
CA LYS E 102 -5.35 -3.42 25.30
C LYS E 102 -6.22 -2.31 25.93
N ASP E 103 -7.01 -2.67 26.93
CA ASP E 103 -7.83 -1.68 27.62
C ASP E 103 -6.93 -0.63 28.31
N ALA E 104 -5.83 -1.10 28.87
CA ALA E 104 -4.89 -0.19 29.51
C ALA E 104 -4.37 0.84 28.51
N TYR E 105 -3.88 0.34 27.38
CA TYR E 105 -3.35 1.22 26.33
C TYR E 105 -4.42 2.21 25.82
N ARG E 106 -5.62 1.70 25.51
CA ARG E 106 -6.68 2.55 24.96
C ARG E 106 -7.20 3.61 25.90
N ALA E 107 -7.45 3.21 27.15
CA ALA E 107 -8.03 4.10 28.16
C ALA E 107 -7.06 5.24 28.46
N ASN E 108 -5.78 4.91 28.51
CA ASN E 108 -4.75 5.88 28.80
C ASN E 108 -4.63 6.92 27.69
N GLU E 109 -4.65 6.46 26.44
CA GLU E 109 -4.62 7.38 25.31
C GLU E 109 -5.90 8.23 25.23
N TYR E 110 -7.04 7.65 25.59
CA TYR E 110 -8.29 8.40 25.69
C TYR E 110 -8.18 9.51 26.74
N ALA E 111 -7.59 9.20 27.89
CA ALA E 111 -7.51 10.15 29.00
C ALA E 111 -6.76 11.42 28.60
N ILE E 112 -5.60 11.26 27.97
CA ILE E 112 -4.82 12.41 27.50
C ILE E 112 -5.57 13.24 26.45
N GLU E 113 -6.33 12.57 25.59
CA GLU E 113 -7.13 13.26 24.58
C GLU E 113 -8.22 14.10 25.24
N ARG E 114 -8.78 13.60 26.34
CA ARG E 114 -9.84 14.30 27.08
C ARG E 114 -9.34 15.47 27.91
N ILE E 115 -8.21 15.27 28.58
CA ILE E 115 -7.56 16.37 29.29
C ILE E 115 -7.45 17.57 28.34
N LYS E 116 -6.89 17.33 27.15
CA LYS E 116 -6.72 18.38 26.14
C LYS E 116 -8.04 19.02 25.67
N GLU E 117 -9.16 18.31 25.81
CA GLU E 117 -10.49 18.82 25.44
C GLU E 117 -11.20 19.60 26.55
N ILE E 118 -11.27 19.04 27.75
CA ILE E 118 -12.22 19.56 28.78
C ILE E 118 -11.67 20.10 30.11
N VAL E 119 -10.40 19.84 30.41
CA VAL E 119 -9.84 20.22 31.71
C VAL E 119 -9.40 21.70 31.68
N PRO E 120 -9.87 22.52 32.66
CA PRO E 120 -9.41 23.93 32.82
C PRO E 120 -7.94 24.08 33.26
N ILE E 121 -7.05 23.85 32.31
CA ILE E 121 -5.62 24.06 32.50
C ILE E 121 -5.11 24.78 31.26
N TRP E 122 -4.21 25.75 31.44
CA TRP E 122 -3.64 26.48 30.31
C TRP E 122 -2.12 26.49 30.31
N LYS E 123 -1.57 26.75 29.13
CA LYS E 123 -0.14 26.68 28.87
C LYS E 123 0.33 27.97 28.23
N LYS E 124 1.42 28.53 28.75
CA LYS E 124 2.09 29.67 28.12
C LYS E 124 3.46 29.25 27.59
N GLU E 125 3.67 29.37 26.29
CA GLU E 125 5.00 29.18 25.71
C GLU E 125 5.82 30.45 25.94
N ILE E 126 7.05 30.31 26.44
CA ILE E 126 7.97 31.44 26.52
C ILE E 126 9.15 31.22 25.59
N TRP E 127 9.25 32.09 24.58
CA TRP E 127 10.39 32.13 23.67
C TRP E 127 11.27 33.33 24.04
N GLU E 128 12.43 33.45 23.40
CA GLU E 128 13.30 34.62 23.61
C GLU E 128 12.69 35.92 23.06
N ASP E 129 11.97 35.82 21.94
CA ASP E 129 11.36 36.96 21.26
C ASP E 129 10.17 37.52 22.06
N GLY E 130 9.35 36.62 22.59
CA GLY E 130 8.14 36.99 23.32
C GLY E 130 7.52 35.78 24.01
N SER E 131 6.19 35.76 24.09
CA SER E 131 5.46 34.68 24.77
C SER E 131 3.98 34.73 24.43
N LYS E 132 3.29 33.62 24.64
CA LYS E 132 1.87 33.52 24.27
C LYS E 132 1.17 32.32 24.92
N TRP E 133 -0.09 32.52 25.27
CA TRP E 133 -0.94 31.46 25.82
C TRP E 133 -1.45 30.61 24.67
N GLN E 134 -1.50 29.29 24.88
CA GLN E 134 -1.90 28.33 23.86
C GLN E 134 -3.36 27.95 24.04
N GLY E 135 -3.99 27.55 22.93
CA GLY E 135 -5.41 27.22 22.89
C GLY E 135 -5.71 25.88 22.23
N HIS E 136 -6.60 25.89 21.23
CA HIS E 136 -7.09 24.67 20.54
C HIS E 136 -8.10 23.89 21.40
N MET F 1 -20.75 38.37 44.18
CA MET F 1 -20.56 37.29 43.16
C MET F 1 -19.13 37.33 42.62
N LYS F 2 -18.37 36.29 42.95
CA LYS F 2 -16.94 36.25 42.69
C LYS F 2 -16.69 35.82 41.26
N VAL F 3 -16.03 36.69 40.50
CA VAL F 3 -15.59 36.35 39.15
C VAL F 3 -14.12 35.98 39.19
N LEU F 4 -13.78 34.80 38.66
CA LEU F 4 -12.38 34.40 38.50
C LEU F 4 -11.95 34.55 37.03
N TYR F 5 -10.71 34.98 36.81
CA TYR F 5 -10.16 35.14 35.44
C TYR F 5 -8.89 34.31 35.27
N PHE F 6 -8.71 33.78 34.06
CA PHE F 6 -7.59 32.91 33.78
C PHE F 6 -6.88 33.27 32.48
N ALA F 7 -5.58 32.96 32.44
CA ALA F 7 -4.80 32.91 31.20
C ALA F 7 -4.66 34.27 30.52
N GLU F 8 -5.04 34.37 29.24
CA GLU F 8 -4.86 35.60 28.48
C GLU F 8 -5.69 36.75 29.05
N ILE F 9 -6.91 36.45 29.49
CA ILE F 9 -7.83 37.47 29.95
C ILE F 9 -7.36 38.02 31.30
N LYS F 10 -6.87 37.14 32.17
CA LYS F 10 -6.18 37.54 33.41
C LYS F 10 -5.07 38.58 33.13
N ASP F 11 -4.24 38.30 32.13
CA ASP F 11 -3.21 39.24 31.67
C ASP F 11 -3.81 40.56 31.16
N ILE F 12 -4.88 40.47 30.39
CA ILE F 12 -5.54 41.67 29.83
C ILE F 12 -6.14 42.56 30.91
N LEU F 13 -6.93 41.96 31.80
CA LEU F 13 -7.63 42.70 32.87
C LEU F 13 -6.75 42.97 34.09
N GLN F 14 -5.54 42.40 34.10
CA GLN F 14 -4.52 42.68 35.12
C GLN F 14 -4.99 42.35 36.55
N LYS F 15 -5.90 41.39 36.67
CA LYS F 15 -6.35 40.89 37.97
C LYS F 15 -6.83 39.43 37.86
N ALA F 16 -6.62 38.68 38.94
CA ALA F 16 -6.98 37.27 38.98
C ALA F 16 -8.45 37.03 39.29
N GLN F 17 -9.10 38.04 39.87
CA GLN F 17 -10.45 37.91 40.39
C GLN F 17 -11.09 39.27 40.70
N GLU F 18 -12.39 39.24 41.00
CA GLU F 18 -13.09 40.42 41.52
C GLU F 18 -14.51 40.11 42.01
N ASP F 19 -15.00 40.93 42.93
CA ASP F 19 -16.39 40.92 43.32
C ASP F 19 -17.16 41.94 42.52
N ILE F 20 -18.23 41.48 41.89
CA ILE F 20 -19.22 42.35 41.33
C ILE F 20 -20.46 42.04 42.14
N VAL F 21 -21.09 43.08 42.68
CA VAL F 21 -22.31 42.90 43.47
C VAL F 21 -23.47 42.69 42.50
N LEU F 22 -24.13 41.55 42.66
CA LEU F 22 -25.32 41.24 41.90
C LEU F 22 -26.54 41.58 42.73
N GLU F 23 -27.43 42.35 42.13
CA GLU F 23 -28.65 42.78 42.80
C GLU F 23 -29.70 41.69 42.71
N GLN F 24 -29.61 40.88 41.66
CA GLN F 24 -30.53 39.78 41.42
C GLN F 24 -29.93 38.74 40.49
N ALA F 25 -30.50 37.54 40.55
CA ALA F 25 -30.16 36.49 39.61
C ALA F 25 -30.22 37.01 38.18
N LEU F 26 -29.31 36.52 37.34
CA LEU F 26 -29.36 36.84 35.90
C LEU F 26 -28.83 35.68 35.09
N THR F 27 -29.20 35.64 33.80
CA THR F 27 -28.77 34.57 32.90
C THR F 27 -27.29 34.76 32.54
N VAL F 28 -26.69 33.67 32.04
CA VAL F 28 -25.29 33.69 31.65
C VAL F 28 -25.08 34.67 30.51
N GLN F 29 -26.00 34.69 29.54
CA GLN F 29 -25.93 35.64 28.43
C GLN F 29 -25.98 37.08 28.96
N GLN F 30 -26.85 37.32 29.93
CA GLN F 30 -26.93 38.66 30.53
C GLN F 30 -25.64 39.05 31.23
N PHE F 31 -24.98 38.07 31.85
CA PHE F 31 -23.71 38.31 32.52
C PHE F 31 -22.62 38.67 31.49
N GLU F 32 -22.64 38.01 30.33
CA GLU F 32 -21.71 38.33 29.24
C GLU F 32 -21.91 39.75 28.72
N ASP F 33 -23.17 40.12 28.51
CA ASP F 33 -23.52 41.47 28.04
C ASP F 33 -22.99 42.51 29.02
N LEU F 34 -23.16 42.22 30.30
CA LEU F 34 -22.67 43.09 31.36
C LEU F 34 -21.14 43.18 31.29
N LEU F 35 -20.50 42.03 31.24
CA LEU F 35 -19.04 41.94 31.24
C LEU F 35 -18.40 42.60 30.04
N PHE F 36 -19.08 42.58 28.89
CA PHE F 36 -18.59 43.25 27.69
C PHE F 36 -18.82 44.77 27.70
N GLU F 37 -19.82 45.24 28.44
CA GLU F 37 -19.98 46.68 28.65
C GLU F 37 -18.86 47.18 29.55
N ARG F 38 -18.51 46.39 30.56
CA ARG F 38 -17.45 46.73 31.50
C ARG F 38 -16.06 46.59 30.87
N TYR F 39 -15.90 45.60 29.99
CA TYR F 39 -14.61 45.38 29.33
C TYR F 39 -14.78 45.14 27.83
N PRO F 40 -14.83 46.23 27.02
CA PRO F 40 -14.81 46.06 25.57
C PRO F 40 -13.49 45.46 25.03
N GLN F 41 -12.43 45.53 25.83
CA GLN F 41 -11.12 44.97 25.44
C GLN F 41 -11.03 43.43 25.57
N ILE F 42 -12.17 42.78 25.81
CA ILE F 42 -12.26 41.32 25.73
C ILE F 42 -13.52 40.85 24.97
N ASN F 43 -14.21 41.76 24.28
CA ASN F 43 -15.42 41.38 23.54
C ASN F 43 -15.12 40.52 22.32
N ASN F 44 -13.86 40.49 21.88
CA ASN F 44 -13.41 39.58 20.82
C ASN F 44 -12.72 38.30 21.32
N LYS F 45 -12.67 38.10 22.64
CA LYS F 45 -12.03 36.90 23.21
C LYS F 45 -13.03 35.78 23.46
N LYS F 46 -12.60 34.56 23.15
CA LYS F 46 -13.44 33.37 23.23
C LYS F 46 -13.25 32.72 24.59
N PHE F 47 -14.35 32.27 25.17
CA PHE F 47 -14.33 31.58 26.44
C PHE F 47 -15.69 31.00 26.77
N GLN F 48 -15.68 29.93 27.55
CA GLN F 48 -16.89 29.39 28.15
C GLN F 48 -17.03 29.99 29.54
N VAL F 49 -18.19 29.84 30.14
CA VAL F 49 -18.43 30.29 31.51
C VAL F 49 -18.67 29.07 32.38
N ALA F 50 -18.03 29.05 33.54
CA ALA F 50 -18.25 28.00 34.52
C ALA F 50 -18.88 28.64 35.76
N VAL F 51 -20.04 28.12 36.16
CA VAL F 51 -20.73 28.57 37.37
C VAL F 51 -20.58 27.51 38.45
N ASN F 52 -20.01 27.90 39.59
CA ASN F 52 -19.74 26.97 40.67
C ASN F 52 -19.10 25.66 40.18
N GLU F 53 -18.02 25.82 39.43
CA GLU F 53 -17.19 24.71 38.93
C GLU F 53 -17.90 23.74 37.96
N GLU F 54 -18.89 24.25 37.22
CA GLU F 54 -19.55 23.47 36.15
C GLU F 54 -19.84 24.38 34.95
N PHE F 55 -19.66 23.84 33.75
CA PHE F 55 -20.07 24.54 32.52
C PHE F 55 -21.59 24.59 32.45
N VAL F 56 -22.11 25.63 31.81
CA VAL F 56 -23.54 25.90 31.82
C VAL F 56 -24.03 26.46 30.48
N GLN F 57 -25.30 26.18 30.17
CA GLN F 57 -25.96 26.78 29.00
C GLN F 57 -26.32 28.25 29.25
N LYS F 58 -26.46 29.00 28.16
CA LYS F 58 -26.59 30.47 28.25
C LYS F 58 -27.90 31.00 28.84
N SER F 59 -28.89 30.14 29.06
CA SER F 59 -30.13 30.54 29.73
C SER F 59 -30.22 30.05 31.18
N ASP F 60 -29.13 29.49 31.70
CA ASP F 60 -29.03 29.17 33.14
C ASP F 60 -28.81 30.45 33.97
N PHE F 61 -29.29 30.44 35.21
CA PHE F 61 -29.25 31.63 36.07
C PHE F 61 -28.03 31.65 37.01
N ILE F 62 -27.21 32.70 36.89
CA ILE F 62 -26.16 33.00 37.86
C ILE F 62 -26.75 33.73 39.08
N GLN F 63 -26.66 33.11 40.24
CA GLN F 63 -27.14 33.71 41.49
C GLN F 63 -26.07 34.64 42.09
N PRO F 64 -26.47 35.56 43.00
CA PRO F 64 -25.52 36.55 43.51
C PRO F 64 -24.38 35.97 44.33
N ASN F 65 -24.63 34.94 45.11
CA ASN F 65 -23.55 34.27 45.86
C ASN F 65 -22.79 33.17 45.09
N ASP F 66 -22.94 33.12 43.77
CA ASP F 66 -22.23 32.13 42.95
C ASP F 66 -20.80 32.53 42.63
N THR F 67 -19.98 31.54 42.29
CA THR F 67 -18.64 31.79 41.75
C THR F 67 -18.66 31.49 40.26
N VAL F 68 -18.07 32.40 39.49
CA VAL F 68 -18.11 32.36 38.04
C VAL F 68 -16.67 32.43 37.53
N ALA F 69 -16.32 31.51 36.64
CA ALA F 69 -15.00 31.50 36.05
C ALA F 69 -15.13 31.67 34.56
N LEU F 70 -14.26 32.47 33.95
CA LEU F 70 -14.15 32.49 32.49
C LEU F 70 -13.06 31.53 32.11
N ILE F 71 -13.39 30.61 31.21
CA ILE F 71 -12.54 29.48 30.85
C ILE F 71 -12.17 29.57 29.37
N PRO F 72 -11.01 30.16 29.05
CA PRO F 72 -10.63 30.22 27.63
C PRO F 72 -10.34 28.84 27.08
N PRO F 73 -10.21 28.72 25.75
CA PRO F 73 -9.81 27.45 25.14
C PRO F 73 -8.64 26.83 25.89
N VAL F 74 -8.88 25.65 26.46
CA VAL F 74 -7.93 25.00 27.37
C VAL F 74 -6.73 24.43 26.61
N SER F 75 -5.61 24.29 27.31
CA SER F 75 -4.39 23.76 26.70
C SER F 75 -3.56 22.96 27.71
N GLY F 76 -4.23 22.06 28.43
CA GLY F 76 -3.55 21.17 29.36
C GLY F 76 -2.73 20.10 28.66
N GLY F 77 -2.34 19.07 29.42
CA GLY F 77 -1.44 18.04 28.92
C GLY F 77 0.03 18.46 28.96
N MET G 1 -10.07 -4.41 -48.79
CA MET G 1 -9.78 -3.83 -47.45
C MET G 1 -9.06 -2.51 -47.60
N LYS G 2 -9.68 -1.47 -47.08
CA LYS G 2 -9.05 -0.16 -47.03
C LYS G 2 -8.21 -0.04 -45.76
N GLN G 3 -7.20 0.81 -45.81
CA GLN G 3 -6.40 1.15 -44.63
C GLN G 3 -7.28 1.68 -43.51
N PHE G 4 -8.24 2.52 -43.89
CA PHE G 4 -9.16 3.17 -42.98
C PHE G 4 -10.57 2.99 -43.50
N GLU G 5 -11.45 2.37 -42.70
CA GLU G 5 -12.73 1.90 -43.23
C GLU G 5 -13.83 1.86 -42.19
N ILE G 6 -15.05 2.15 -42.62
CA ILE G 6 -16.27 1.88 -41.84
C ILE G 6 -16.99 0.73 -42.54
N VAL G 7 -17.30 -0.32 -41.77
CA VAL G 7 -17.88 -1.53 -42.33
C VAL G 7 -19.18 -1.90 -41.63
N ILE G 8 -19.97 -2.75 -42.28
CA ILE G 8 -21.17 -3.36 -41.66
C ILE G 8 -20.99 -4.86 -41.33
N GLU G 9 -20.00 -5.51 -41.95
CA GLU G 9 -19.75 -6.94 -41.73
C GLU G 9 -18.88 -7.18 -40.49
N PRO G 10 -19.00 -8.36 -39.87
CA PRO G 10 -18.08 -8.64 -38.77
C PRO G 10 -16.62 -8.44 -39.19
N ILE G 11 -15.82 -7.80 -38.35
CA ILE G 11 -14.42 -7.48 -38.65
C ILE G 11 -13.51 -8.71 -38.63
N GLN G 12 -12.94 -9.02 -39.79
CA GLN G 12 -11.91 -10.05 -39.94
C GLN G 12 -10.60 -9.46 -39.46
N THR G 13 -10.06 -9.98 -38.36
CA THR G 13 -9.03 -9.27 -37.60
C THR G 13 -7.60 -9.40 -38.12
N GLU G 14 -7.17 -10.60 -38.47
CA GLU G 14 -5.75 -10.84 -38.70
C GLU G 14 -5.16 -10.14 -39.94
N GLN G 15 -5.97 -9.91 -40.96
CA GLN G 15 -5.50 -9.16 -42.16
C GLN G 15 -4.98 -7.74 -41.87
N TYR G 16 -5.45 -7.13 -40.77
CA TYR G 16 -5.01 -5.80 -40.38
C TYR G 16 -3.56 -5.78 -39.85
N ARG G 17 -3.19 -6.85 -39.13
CA ARG G 17 -1.79 -7.03 -38.73
C ARG G 17 -0.92 -7.10 -39.98
N GLU G 18 -1.30 -7.97 -40.91
CA GLU G 18 -0.54 -8.16 -42.14
C GLU G 18 -0.31 -6.88 -42.91
N PHE G 19 -1.35 -6.06 -43.03
CA PHE G 19 -1.23 -4.79 -43.72
C PHE G 19 -0.09 -3.93 -43.16
N THR G 20 0.04 -3.90 -41.84
CA THR G 20 1.04 -3.06 -41.18
C THR G 20 2.46 -3.62 -41.13
N ILE G 21 2.67 -4.90 -41.44
CA ILE G 21 4.01 -5.49 -41.31
C ILE G 21 4.85 -5.24 -42.56
N ASN G 22 6.12 -4.99 -42.33
CA ASN G 22 7.16 -5.02 -43.35
C ASN G 22 8.47 -5.25 -42.62
N GLU G 23 9.58 -5.33 -43.35
CA GLU G 23 10.88 -5.74 -42.77
C GLU G 23 11.46 -4.76 -41.76
N TYR G 24 10.98 -3.52 -41.76
CA TYR G 24 11.49 -2.49 -40.86
C TYR G 24 10.80 -2.54 -39.50
N GLN G 25 9.61 -3.15 -39.45
CA GLN G 25 8.82 -3.22 -38.22
C GLN G 25 9.19 -4.46 -37.38
N GLY G 26 9.39 -4.23 -36.09
CA GLY G 26 9.61 -5.31 -35.14
C GLY G 26 8.46 -5.44 -34.14
N ALA G 27 7.51 -4.51 -34.18
CA ALA G 27 6.41 -4.51 -33.23
C ALA G 27 5.09 -4.22 -33.91
N VAL G 28 4.06 -4.97 -33.52
CA VAL G 28 2.69 -4.60 -33.87
C VAL G 28 1.84 -4.69 -32.60
N VAL G 29 1.03 -3.66 -32.41
CA VAL G 29 0.04 -3.63 -31.36
C VAL G 29 -1.32 -3.53 -32.03
N VAL G 30 -2.20 -4.45 -31.69
CA VAL G 30 -3.60 -4.42 -32.16
C VAL G 30 -4.50 -4.22 -30.94
N PHE G 31 -5.44 -3.29 -31.05
CA PHE G 31 -6.45 -3.05 -30.01
C PHE G 31 -7.80 -3.36 -30.60
N THR G 32 -8.62 -4.11 -29.87
CA THR G 32 -10.00 -4.37 -30.28
C THR G 32 -10.98 -3.93 -29.20
N GLY G 33 -11.95 -3.10 -29.59
CA GLY G 33 -13.03 -2.68 -28.68
C GLY G 33 -14.23 -3.57 -28.79
N HIS G 34 -14.64 -4.18 -27.68
CA HIS G 34 -15.72 -5.17 -27.67
C HIS G 34 -16.92 -4.67 -26.88
N VAL G 35 -18.11 -5.07 -27.30
CA VAL G 35 -19.34 -4.73 -26.58
C VAL G 35 -19.37 -5.49 -25.25
N ARG G 36 -19.53 -4.75 -24.15
CA ARG G 36 -19.71 -5.36 -22.83
C ARG G 36 -21.19 -5.54 -22.48
N GLU G 37 -21.49 -6.57 -21.71
CA GLU G 37 -22.87 -6.86 -21.34
C GLU G 37 -23.36 -6.02 -20.17
N TRP G 38 -22.58 -5.94 -19.10
N TRP G 38 -22.59 -5.95 -19.10
CA TRP G 38 -23.10 -5.48 -17.81
CA TRP G 38 -23.13 -5.47 -17.82
C TRP G 38 -22.73 -4.07 -17.34
C TRP G 38 -22.65 -4.11 -17.30
N THR G 39 -23.20 -3.80 -16.13
CA THR G 39 -22.76 -2.73 -15.24
C THR G 39 -22.76 -1.29 -15.63
N LYS G 40 -23.49 -0.38 -16.31
CA LYS G 40 -23.48 0.87 -15.55
C LYS G 40 -24.75 0.68 -14.64
N GLY G 41 -25.00 -0.55 -14.15
N GLY G 41 -24.74 -0.43 -13.90
CA GLY G 41 -26.21 -0.87 -13.35
CA GLY G 41 -25.95 -1.01 -13.31
C GLY G 41 -27.18 -1.91 -13.92
C GLY G 41 -26.74 -1.67 -14.42
N VAL G 42 -27.54 -1.77 -15.20
N VAL G 42 -26.21 -1.56 -15.64
CA VAL G 42 -28.54 -2.63 -15.86
CA VAL G 42 -26.97 -1.84 -16.84
C VAL G 42 -27.99 -3.16 -17.20
C VAL G 42 -26.61 -3.18 -17.48
N LYS G 43 -28.28 -4.42 -17.52
N LYS G 43 -27.67 -3.90 -17.84
CA LYS G 43 -27.53 -5.14 -18.57
CA LYS G 43 -27.55 -5.13 -18.58
C LYS G 43 -27.83 -4.67 -20.01
C LYS G 43 -27.82 -4.82 -20.06
N THR G 44 -26.75 -4.43 -20.77
CA THR G 44 -26.83 -4.11 -22.18
C THR G 44 -27.34 -5.32 -22.97
N GLU G 45 -28.42 -5.11 -23.71
CA GLU G 45 -28.92 -6.12 -24.66
C GLU G 45 -27.98 -6.16 -25.87
N TYR G 46 -27.88 -5.02 -26.54
CA TYR G 46 -26.97 -4.86 -27.67
C TYR G 46 -26.63 -3.38 -27.90
N LEU G 47 -25.66 -3.12 -28.78
CA LEU G 47 -25.32 -1.77 -29.20
C LEU G 47 -25.65 -1.55 -30.66
N GLU G 48 -26.17 -0.36 -30.93
CA GLU G 48 -26.44 0.09 -32.28
C GLU G 48 -25.44 1.23 -32.53
N TYR G 49 -24.60 1.10 -33.55
CA TYR G 49 -23.68 2.18 -33.95
C TYR G 49 -24.15 2.79 -35.27
N GLU G 50 -24.06 4.11 -35.40
CA GLU G 50 -24.23 4.76 -36.70
C GLU G 50 -23.14 5.81 -36.92
N ALA G 51 -22.95 6.18 -38.18
CA ALA G 51 -21.87 7.10 -38.57
C ALA G 51 -22.27 7.97 -39.74
N TYR G 52 -21.67 9.15 -39.79
CA TYR G 52 -21.65 10.00 -40.98
C TYR G 52 -20.48 9.51 -41.80
N ILE G 53 -20.76 8.61 -42.75
CA ILE G 53 -19.73 7.69 -43.23
C ILE G 53 -18.50 8.33 -43.92
N PRO G 54 -18.71 9.12 -44.99
CA PRO G 54 -17.55 9.69 -45.68
C PRO G 54 -16.63 10.54 -44.78
N MET G 55 -17.22 11.36 -43.92
CA MET G 55 -16.46 12.18 -42.97
C MET G 55 -15.80 11.33 -41.89
N ALA G 56 -16.52 10.33 -41.37
CA ALA G 56 -15.94 9.38 -40.41
C ALA G 56 -14.69 8.72 -40.97
N GLU G 57 -14.79 8.20 -42.19
CA GLU G 57 -13.64 7.60 -42.88
C GLU G 57 -12.48 8.61 -43.01
N LYS G 58 -12.79 9.85 -43.36
CA LYS G 58 -11.78 10.91 -43.44
C LYS G 58 -11.08 11.18 -42.10
N LYS G 59 -11.87 11.27 -41.03
CA LYS G 59 -11.30 11.50 -39.70
C LYS G 59 -10.41 10.36 -39.24
N LEU G 60 -10.68 9.15 -39.69
CA LEU G 60 -9.80 8.03 -39.37
C LEU G 60 -8.50 8.17 -40.13
N ALA G 61 -8.60 8.58 -41.40
CA ALA G 61 -7.42 8.86 -42.22
C ALA G 61 -6.56 9.96 -41.59
N GLN G 62 -7.20 11.01 -41.10
CA GLN G 62 -6.52 12.09 -40.39
C GLN G 62 -5.73 11.63 -39.15
N ILE G 63 -6.33 10.76 -38.35
CA ILE G 63 -5.63 10.20 -37.17
C ILE G 63 -4.37 9.44 -37.59
N GLY G 64 -4.43 8.79 -38.74
CA GLY G 64 -3.25 8.12 -39.33
C GLY G 64 -2.14 9.10 -39.70
N ASP G 65 -2.52 10.27 -40.20
CA ASP G 65 -1.56 11.31 -40.53
C ASP G 65 -0.93 11.91 -39.28
N GLU G 66 -1.74 12.16 -38.27
CA GLU G 66 -1.23 12.64 -36.99
C GLU G 66 -0.23 11.65 -36.40
N ILE G 67 -0.49 10.36 -36.58
CA ILE G 67 0.39 9.31 -36.06
C ILE G 67 1.70 9.25 -36.84
N ASN G 68 1.62 9.42 -38.16
CA ASN G 68 2.82 9.45 -38.98
C ASN G 68 3.72 10.63 -38.60
N GLU G 69 3.11 11.80 -38.38
CA GLU G 69 3.84 13.00 -37.93
C GLU G 69 4.49 12.77 -36.57
N LYS G 70 3.69 12.40 -35.58
CA LYS G 70 4.15 12.20 -34.20
C LYS G 70 5.12 11.01 -34.04
N TRP G 71 4.86 9.91 -34.74
CA TRP G 71 5.71 8.72 -34.64
C TRP G 71 6.10 8.19 -36.00
N PRO G 72 7.09 8.82 -36.65
CA PRO G 72 7.57 8.34 -37.95
C PRO G 72 7.98 6.88 -37.91
N GLY G 73 7.91 6.20 -39.04
CA GLY G 73 8.25 4.79 -39.12
C GLY G 73 7.09 3.85 -38.83
N THR G 74 6.00 4.40 -38.29
CA THR G 74 4.81 3.61 -38.00
C THR G 74 3.96 3.43 -39.25
N ILE G 75 3.13 2.39 -39.23
CA ILE G 75 2.06 2.21 -40.18
C ILE G 75 0.82 1.88 -39.37
N THR G 76 -0.27 2.57 -39.69
CA THR G 76 -1.50 2.52 -38.93
C THR G 76 -2.61 2.03 -39.82
N SER G 77 -3.45 1.15 -39.29
CA SER G 77 -4.71 0.79 -39.95
C SER G 77 -5.83 0.83 -38.92
N ILE G 78 -6.98 1.37 -39.33
CA ILE G 78 -8.14 1.47 -38.46
C ILE G 78 -9.43 1.10 -39.19
N VAL G 79 -10.28 0.35 -38.51
CA VAL G 79 -11.63 0.06 -39.00
C VAL G 79 -12.66 0.13 -37.86
N HIS G 80 -13.82 0.73 -38.17
CA HIS G 80 -14.95 0.72 -37.25
C HIS G 80 -16.20 0.09 -37.89
N ARG G 81 -16.90 -0.71 -37.09
CA ARG G 81 -18.13 -1.34 -37.53
C ARG G 81 -19.32 -0.49 -37.11
N ILE G 82 -20.41 -0.57 -37.88
CA ILE G 82 -21.68 0.08 -37.53
C ILE G 82 -22.83 -0.91 -37.61
N GLY G 83 -24.02 -0.44 -37.30
CA GLY G 83 -25.20 -1.30 -37.21
C GLY G 83 -25.27 -1.92 -35.84
N PRO G 84 -26.19 -2.89 -35.66
CA PRO G 84 -26.32 -3.54 -34.37
C PRO G 84 -25.19 -4.52 -34.09
N LEU G 85 -24.55 -4.37 -32.94
CA LEU G 85 -23.50 -5.27 -32.51
C LEU G 85 -23.94 -6.04 -31.29
N GLN G 86 -23.57 -7.32 -31.22
CA GLN G 86 -23.96 -8.16 -30.08
C GLN G 86 -22.87 -8.19 -29.00
N ILE G 87 -23.21 -8.77 -27.85
CA ILE G 87 -22.26 -8.92 -26.75
C ILE G 87 -20.94 -9.58 -27.24
N SER G 88 -19.83 -8.91 -26.94
CA SER G 88 -18.45 -9.28 -27.35
C SER G 88 -18.09 -9.11 -28.83
N ASP G 89 -18.99 -8.57 -29.64
CA ASP G 89 -18.62 -8.25 -31.02
C ASP G 89 -17.57 -7.12 -31.04
N ILE G 90 -16.73 -7.14 -32.05
CA ILE G 90 -15.71 -6.12 -32.23
C ILE G 90 -16.34 -4.88 -32.87
N ALA G 91 -16.30 -3.76 -32.16
CA ALA G 91 -16.81 -2.49 -32.67
C ALA G 91 -15.73 -1.72 -33.42
N VAL G 92 -14.49 -1.82 -32.93
CA VAL G 92 -13.38 -1.07 -33.48
C VAL G 92 -12.07 -1.86 -33.37
N LEU G 93 -11.23 -1.69 -34.38
CA LEU G 93 -9.91 -2.29 -34.40
C LEU G 93 -8.90 -1.29 -34.89
N ILE G 94 -7.83 -1.15 -34.13
CA ILE G 94 -6.69 -0.31 -34.45
C ILE G 94 -5.44 -1.19 -34.47
N ALA G 95 -4.65 -1.05 -35.53
CA ALA G 95 -3.38 -1.76 -35.67
C ALA G 95 -2.25 -0.78 -36.02
N VAL G 96 -1.19 -0.79 -35.20
CA VAL G 96 -0.03 0.06 -35.41
C VAL G 96 1.22 -0.80 -35.35
N SER G 97 1.97 -0.81 -36.45
CA SER G 97 3.31 -1.40 -36.49
C SER G 97 4.36 -0.32 -36.26
N SER G 98 5.57 -0.74 -35.90
CA SER G 98 6.68 0.18 -35.60
C SER G 98 8.00 -0.61 -35.52
N PRO G 99 9.14 0.06 -35.80
CA PRO G 99 10.45 -0.56 -35.54
C PRO G 99 10.62 -1.08 -34.12
N HIS G 100 10.31 -0.24 -33.13
CA HIS G 100 10.42 -0.66 -31.72
C HIS G 100 9.09 -0.53 -30.97
N ARG G 101 8.99 -1.27 -29.86
CA ARG G 101 7.71 -1.51 -29.20
C ARG G 101 6.99 -0.26 -28.68
N LYS G 102 7.72 0.72 -28.14
CA LYS G 102 7.07 1.84 -27.43
C LYS G 102 6.22 2.74 -28.33
N ASP G 103 6.69 3.04 -29.54
CA ASP G 103 5.91 3.84 -30.49
C ASP G 103 4.58 3.16 -30.81
N ALA G 104 4.63 1.83 -30.93
CA ALA G 104 3.44 1.07 -31.27
C ALA G 104 2.39 1.19 -30.19
N TYR G 105 2.83 1.04 -28.94
CA TYR G 105 1.91 1.20 -27.82
C TYR G 105 1.40 2.65 -27.74
N ARG G 106 2.27 3.62 -27.97
CA ARG G 106 1.90 5.01 -27.84
C ARG G 106 0.92 5.46 -28.90
N ALA G 107 1.24 5.17 -30.15
CA ALA G 107 0.40 5.56 -31.29
C ALA G 107 -0.97 4.89 -31.26
N ASN G 108 -1.00 3.63 -30.84
CA ASN G 108 -2.24 2.88 -30.73
C ASN G 108 -3.15 3.48 -29.67
N GLU G 109 -2.61 3.80 -28.51
CA GLU G 109 -3.39 4.46 -27.48
C GLU G 109 -3.80 5.89 -27.88
N TYR G 110 -2.97 6.57 -28.65
CA TYR G 110 -3.31 7.90 -29.18
C TYR G 110 -4.55 7.78 -30.06
N ALA G 111 -4.55 6.81 -30.96
CA ALA G 111 -5.62 6.59 -31.92
C ALA G 111 -7.00 6.44 -31.26
N ILE G 112 -7.08 5.56 -30.27
CA ILE G 112 -8.36 5.31 -29.61
C ILE G 112 -8.88 6.54 -28.88
N GLU G 113 -7.98 7.34 -28.31
CA GLU G 113 -8.39 8.59 -27.68
C GLU G 113 -8.88 9.62 -28.68
N ARG G 114 -8.27 9.66 -29.86
CA ARG G 114 -8.69 10.57 -30.92
C ARG G 114 -9.99 10.16 -31.62
N ILE G 115 -10.21 8.86 -31.77
CA ILE G 115 -11.50 8.37 -32.27
C ILE G 115 -12.61 8.86 -31.35
N LYS G 116 -12.45 8.67 -30.06
CA LYS G 116 -13.43 9.14 -29.08
C LYS G 116 -13.59 10.66 -29.02
N GLU G 117 -12.67 11.39 -29.65
CA GLU G 117 -12.71 12.85 -29.63
C GLU G 117 -13.29 13.49 -30.89
N ILE G 118 -12.99 12.94 -32.06
CA ILE G 118 -13.24 13.67 -33.31
C ILE G 118 -14.00 12.94 -34.42
N VAL G 119 -14.21 11.62 -34.31
CA VAL G 119 -14.89 10.87 -35.40
C VAL G 119 -16.43 10.85 -35.26
N PRO G 120 -17.18 11.28 -36.29
CA PRO G 120 -18.67 11.22 -36.24
C PRO G 120 -19.23 9.80 -36.23
N ILE G 121 -19.07 9.15 -35.08
CA ILE G 121 -19.63 7.84 -34.84
C ILE G 121 -20.35 7.96 -33.51
N TRP G 122 -21.52 7.34 -33.44
CA TRP G 122 -22.38 7.42 -32.25
C TRP G 122 -22.87 6.05 -31.87
N LYS G 123 -22.88 5.76 -30.57
CA LYS G 123 -23.38 4.49 -30.09
C LYS G 123 -24.69 4.71 -29.37
N LYS G 124 -25.65 3.83 -29.65
CA LYS G 124 -26.89 3.75 -28.89
C LYS G 124 -26.84 2.48 -28.03
N GLU G 125 -27.00 2.65 -26.71
CA GLU G 125 -27.08 1.50 -25.80
C GLU G 125 -28.54 1.12 -25.63
N ILE G 126 -28.87 -0.10 -26.00
CA ILE G 126 -30.21 -0.64 -25.81
C ILE G 126 -30.19 -1.66 -24.68
N TRP G 127 -31.23 -1.64 -23.85
CA TRP G 127 -31.49 -2.66 -22.83
C TRP G 127 -32.98 -2.99 -22.92
N GLU G 128 -33.46 -3.94 -22.12
CA GLU G 128 -34.84 -4.42 -22.26
C GLU G 128 -35.91 -3.32 -22.21
N ASP G 129 -35.82 -2.46 -21.21
CA ASP G 129 -36.88 -1.48 -20.88
C ASP G 129 -36.59 -0.05 -21.43
N GLY G 130 -35.74 0.07 -22.44
CA GLY G 130 -35.36 1.39 -22.95
C GLY G 130 -34.09 1.42 -23.80
N SER G 131 -33.68 2.64 -24.14
CA SER G 131 -32.47 2.88 -24.95
C SER G 131 -32.08 4.34 -24.88
N LYS G 132 -30.81 4.63 -25.17
CA LYS G 132 -30.29 6.00 -25.09
C LYS G 132 -29.00 6.14 -25.87
N TRP G 133 -28.91 7.20 -26.68
CA TRP G 133 -27.67 7.57 -27.37
C TRP G 133 -26.67 8.07 -26.34
N GLN G 134 -25.39 7.74 -26.55
CA GLN G 134 -24.34 8.14 -25.62
C GLN G 134 -23.60 9.36 -26.13
N GLY G 135 -22.98 10.08 -25.19
CA GLY G 135 -22.23 11.33 -25.48
C GLY G 135 -20.73 11.18 -25.20
N HIS G 136 -20.17 12.11 -24.43
CA HIS G 136 -18.70 12.16 -24.19
C HIS G 136 -18.00 12.56 -25.50
N MET H 1 -29.42 23.66 -50.02
CA MET H 1 -28.46 23.13 -49.04
C MET H 1 -29.04 21.86 -48.41
N LYS H 2 -28.22 20.81 -48.39
CA LYS H 2 -28.63 19.54 -47.84
C LYS H 2 -28.25 19.52 -46.35
N VAL H 3 -29.24 19.29 -45.49
CA VAL H 3 -28.99 19.21 -44.05
C VAL H 3 -29.06 17.76 -43.57
N LEU H 4 -28.02 17.33 -42.83
CA LEU H 4 -27.92 15.95 -42.33
C LEU H 4 -28.02 15.85 -40.79
N TYR H 5 -28.96 15.02 -40.33
CA TYR H 5 -29.13 14.79 -38.91
C TYR H 5 -28.70 13.37 -38.50
N PHE H 6 -28.11 13.26 -37.32
CA PHE H 6 -27.68 11.99 -36.76
C PHE H 6 -28.08 11.81 -35.32
N ALA H 7 -28.08 10.56 -34.88
CA ALA H 7 -28.27 10.17 -33.48
C ALA H 7 -29.57 10.70 -32.86
N GLU H 8 -29.49 11.34 -31.69
CA GLU H 8 -30.71 11.75 -30.98
C GLU H 8 -31.51 12.77 -31.77
N ILE H 9 -30.82 13.64 -32.49
CA ILE H 9 -31.50 14.65 -33.33
C ILE H 9 -32.22 13.95 -34.49
N LYS H 10 -31.59 12.96 -35.12
CA LYS H 10 -32.27 12.21 -36.18
C LYS H 10 -33.61 11.67 -35.64
N ASP H 11 -33.59 11.15 -34.42
CA ASP H 11 -34.75 10.52 -33.82
C ASP H 11 -35.85 11.50 -33.42
N ILE H 12 -35.47 12.65 -32.87
CA ILE H 12 -36.45 13.69 -32.51
C ILE H 12 -37.15 14.20 -33.76
N LEU H 13 -36.35 14.46 -34.80
CA LEU H 13 -36.84 15.05 -36.04
C LEU H 13 -37.45 14.05 -37.03
N GLN H 14 -37.39 12.75 -36.72
CA GLN H 14 -38.03 11.73 -37.55
C GLN H 14 -37.45 11.63 -38.96
N LYS H 15 -36.26 12.18 -39.18
CA LYS H 15 -35.67 12.24 -40.52
C LYS H 15 -34.15 12.39 -40.50
N ALA H 16 -33.49 11.92 -41.57
CA ALA H 16 -32.03 11.93 -41.66
C ALA H 16 -31.49 13.04 -42.57
N GLN H 17 -32.30 13.48 -43.50
CA GLN H 17 -31.91 14.65 -44.26
C GLN H 17 -33.11 15.43 -44.66
N GLU H 18 -32.87 16.67 -45.01
CA GLU H 18 -33.83 17.49 -45.70
C GLU H 18 -33.08 18.51 -46.52
N ASP H 19 -33.80 19.15 -47.42
CA ASP H 19 -33.25 20.22 -48.23
C ASP H 19 -33.82 21.55 -47.73
N ILE H 20 -32.97 22.56 -47.58
CA ILE H 20 -33.44 23.90 -47.19
C ILE H 20 -32.86 24.93 -48.14
N VAL H 21 -33.72 25.71 -48.77
CA VAL H 21 -33.28 26.72 -49.73
C VAL H 21 -32.74 27.93 -48.99
N LEU H 22 -31.49 28.29 -49.25
CA LEU H 22 -30.90 29.51 -48.73
C LEU H 22 -30.81 30.50 -49.88
N GLU H 23 -31.32 31.71 -49.68
CA GLU H 23 -31.17 32.77 -50.67
C GLU H 23 -29.69 33.13 -50.80
N GLN H 24 -29.04 33.36 -49.67
CA GLN H 24 -27.59 33.62 -49.62
C GLN H 24 -26.88 32.89 -48.51
N ALA H 25 -25.56 33.02 -48.52
CA ALA H 25 -24.69 32.39 -47.55
C ALA H 25 -24.98 32.91 -46.14
N LEU H 26 -25.00 31.98 -45.19
CA LEU H 26 -25.25 32.28 -43.78
C LEU H 26 -24.03 31.88 -42.97
N THR H 27 -23.77 32.59 -41.89
CA THR H 27 -22.79 32.10 -40.93
C THR H 27 -23.37 30.84 -40.26
N VAL H 28 -22.49 29.93 -39.86
CA VAL H 28 -22.90 28.83 -39.00
C VAL H 28 -23.86 29.28 -37.87
N GLN H 29 -23.55 30.39 -37.20
CA GLN H 29 -24.37 30.86 -36.06
C GLN H 29 -25.80 31.15 -36.49
N GLN H 30 -25.93 31.87 -37.59
CA GLN H 30 -27.24 32.18 -38.22
C GLN H 30 -28.02 30.92 -38.63
N PHE H 31 -27.30 29.91 -39.09
CA PHE H 31 -27.94 28.66 -39.48
C PHE H 31 -28.51 27.93 -38.26
N GLU H 32 -27.72 27.84 -37.20
CA GLU H 32 -28.22 27.29 -35.94
C GLU H 32 -29.46 28.07 -35.51
N ASP H 33 -29.36 29.39 -35.57
CA ASP H 33 -30.49 30.27 -35.25
C ASP H 33 -31.74 29.87 -36.04
N LEU H 34 -31.56 29.66 -37.35
CA LEU H 34 -32.66 29.28 -38.21
C LEU H 34 -33.24 27.94 -37.80
N LEU H 35 -32.33 27.01 -37.54
CA LEU H 35 -32.71 25.66 -37.10
C LEU H 35 -33.55 25.65 -35.82
N PHE H 36 -33.14 26.41 -34.82
CA PHE H 36 -33.86 26.45 -33.55
C PHE H 36 -35.26 27.07 -33.69
N GLU H 37 -35.41 28.06 -34.59
CA GLU H 37 -36.71 28.66 -34.87
C GLU H 37 -37.61 27.69 -35.63
N ARG H 38 -37.02 26.99 -36.59
CA ARG H 38 -37.74 26.00 -37.36
C ARG H 38 -38.10 24.82 -36.47
N TYR H 39 -37.18 24.44 -35.58
CA TYR H 39 -37.34 23.24 -34.76
C TYR H 39 -37.17 23.52 -33.28
N PRO H 40 -38.17 24.15 -32.65
CA PRO H 40 -38.05 24.42 -31.21
C PRO H 40 -37.63 23.20 -30.36
N GLN H 41 -38.02 22.01 -30.80
CA GLN H 41 -37.81 20.79 -30.02
C GLN H 41 -36.37 20.25 -29.97
N ILE H 42 -35.38 21.01 -30.44
CA ILE H 42 -33.97 20.60 -30.34
C ILE H 42 -33.03 21.71 -29.88
N ASN H 43 -33.57 22.79 -29.34
CA ASN H 43 -32.71 23.93 -28.97
C ASN H 43 -31.96 23.74 -27.64
N ASN H 44 -32.28 22.67 -26.90
CA ASN H 44 -31.49 22.27 -25.72
C ASN H 44 -30.47 21.16 -26.01
N LYS H 45 -30.39 20.73 -27.26
CA LYS H 45 -29.45 19.68 -27.66
C LYS H 45 -28.14 20.28 -28.16
N LYS H 46 -27.02 19.70 -27.71
CA LYS H 46 -25.71 20.20 -28.11
C LYS H 46 -25.22 19.50 -29.38
N PHE H 47 -24.67 20.30 -30.29
CA PHE H 47 -24.03 19.78 -31.49
C PHE H 47 -23.05 20.79 -32.04
N GLN H 48 -22.00 20.30 -32.70
CA GLN H 48 -21.21 21.12 -33.60
C GLN H 48 -21.82 20.95 -34.96
N VAL H 49 -21.44 21.82 -35.88
CA VAL H 49 -21.87 21.73 -37.27
C VAL H 49 -20.69 21.41 -38.19
N ALA H 50 -20.93 20.57 -39.19
CA ALA H 50 -19.90 20.22 -40.15
C ALA H 50 -20.36 20.67 -41.51
N VAL H 51 -19.50 21.37 -42.23
CA VAL H 51 -19.81 21.82 -43.58
C VAL H 51 -18.87 21.13 -44.53
N ASN H 52 -19.45 20.46 -45.53
CA ASN H 52 -18.72 19.65 -46.49
C ASN H 52 -17.73 18.73 -45.78
N GLU H 53 -18.22 18.06 -44.74
CA GLU H 53 -17.47 17.07 -43.94
C GLU H 53 -16.26 17.67 -43.22
N GLU H 54 -16.34 18.95 -42.85
CA GLU H 54 -15.30 19.61 -42.05
C GLU H 54 -15.95 20.33 -40.88
N PHE H 55 -15.29 20.32 -39.72
CA PHE H 55 -15.76 21.07 -38.58
C PHE H 55 -15.48 22.54 -38.85
N VAL H 56 -16.32 23.42 -38.31
CA VAL H 56 -16.18 24.84 -38.56
C VAL H 56 -16.50 25.74 -37.35
N GLN H 57 -15.90 26.92 -37.36
CA GLN H 57 -16.22 27.97 -36.39
C GLN H 57 -17.62 28.55 -36.68
N LYS H 58 -18.17 29.23 -35.68
CA LYS H 58 -19.53 29.76 -35.76
C LYS H 58 -19.69 30.98 -36.66
N SER H 59 -18.57 31.62 -36.99
CA SER H 59 -18.53 32.76 -37.89
C SER H 59 -18.06 32.38 -39.30
N ASP H 60 -17.97 31.09 -39.58
CA ASP H 60 -17.71 30.65 -40.95
C ASP H 60 -19.02 30.62 -41.69
N PHE H 61 -18.93 30.82 -43.01
CA PHE H 61 -20.10 30.84 -43.88
C PHE H 61 -20.47 29.48 -44.45
N ILE H 62 -21.77 29.25 -44.54
CA ILE H 62 -22.35 28.13 -45.26
C ILE H 62 -22.88 28.70 -46.56
N GLN H 63 -22.41 28.13 -47.66
CA GLN H 63 -22.91 28.51 -48.99
C GLN H 63 -24.23 27.78 -49.26
N PRO H 64 -25.05 28.33 -50.16
CA PRO H 64 -26.33 27.70 -50.51
C PRO H 64 -26.26 26.25 -51.02
N ASN H 65 -25.17 25.89 -51.72
CA ASN H 65 -24.99 24.52 -52.25
C ASN H 65 -24.30 23.55 -51.29
N ASP H 66 -23.80 24.04 -50.16
CA ASP H 66 -23.02 23.21 -49.25
C ASP H 66 -23.87 22.11 -48.59
N THR H 67 -23.19 21.08 -48.09
CA THR H 67 -23.81 20.03 -47.27
C THR H 67 -23.45 20.29 -45.81
N VAL H 68 -24.46 20.33 -44.95
CA VAL H 68 -24.32 20.70 -43.55
C VAL H 68 -24.82 19.57 -42.66
N ALA H 69 -23.97 19.07 -41.76
CA ALA H 69 -24.36 18.01 -40.83
C ALA H 69 -24.31 18.45 -39.36
N LEU H 70 -25.35 18.12 -38.60
CA LEU H 70 -25.36 18.34 -37.16
C LEU H 70 -24.71 17.14 -36.48
N ILE H 71 -23.55 17.40 -35.86
CA ILE H 71 -22.78 16.39 -35.14
C ILE H 71 -22.96 16.54 -33.63
N PRO H 72 -23.78 15.67 -33.02
CA PRO H 72 -23.85 15.57 -31.56
C PRO H 72 -22.58 15.04 -30.92
N PRO H 73 -22.40 15.25 -29.62
CA PRO H 73 -21.27 14.63 -28.93
C PRO H 73 -21.07 13.19 -29.41
N VAL H 74 -19.85 12.92 -29.83
CA VAL H 74 -19.49 11.66 -30.42
C VAL H 74 -19.18 10.59 -29.37
N SER H 75 -19.56 9.35 -29.68
CA SER H 75 -19.42 8.24 -28.75
C SER H 75 -18.95 6.96 -29.45
N GLY H 76 -18.06 7.15 -30.42
CA GLY H 76 -17.47 6.04 -31.13
C GLY H 76 -16.50 5.24 -30.27
N GLY H 77 -15.79 4.32 -30.93
CA GLY H 77 -14.99 3.31 -30.24
C GLY H 77 -15.90 2.24 -29.65
O4' 8CS I . 16.54 -8.05 -31.08
C4' 8CS I . 15.90 -8.11 -32.14
C4A 8CS I . 14.51 -8.03 -32.15
N5' 8CS I . 13.78 -7.88 -30.97
N3' 8CS I . 16.56 -8.26 -33.33
C2' 8CS I . 15.86 -8.35 -34.50
N2' 8CS I . 16.53 -8.50 -35.66
N1' 8CS I . 14.50 -8.27 -34.50
C4B 8CS I . 13.82 -8.12 -33.34
N8' 8CS I . 12.42 -8.04 -33.34
C7 8CS I . 11.67 -7.85 -32.17
C6' 8CS I . 12.44 -8.30 -30.90
C7' 8CS I . 11.79 -7.77 -29.65
O10 8CS I . 11.77 -8.40 -28.62
C8' 8CS I . 11.19 -6.40 -29.65
O3 8CS I . 12.22 -5.48 -29.36
O9' 8CS I . 11.34 -6.47 -32.10
C9' 8CS I . 10.51 -6.10 -30.99
C10 8CS I . 10.13 -4.63 -31.10
O1 8CS I . 11.27 -3.82 -30.85
P 8CS I . 11.95 -3.89 -29.41
O2 8CS I . 10.90 -3.56 -28.38
O4 8CS I . 13.29 -3.18 -29.42
O4' 8CS J . -0.02 -15.25 31.24
C4' 8CS J . -0.04 -14.53 32.27
C4A 8CS J . 0.24 -13.16 32.24
N5' 8CS J . 0.59 -12.43 31.09
N3' 8CS J . -0.36 -15.12 33.44
C2' 8CS J . -0.40 -14.40 34.59
N2' 8CS J . -0.72 -14.98 35.76
N1' 8CS J . -0.12 -13.09 34.58
C4B 8CS J . 0.19 -12.45 33.45
N8' 8CS J . 0.48 -11.10 33.51
C7 8CS J . 0.82 -10.37 32.36
C6' 8CS J . 1.39 -11.27 31.26
C7' 8CS J . 1.51 -10.42 30.03
O10 8CS J . 2.54 -10.42 29.38
C8' 8CS J . 0.38 -9.54 29.61
O3 8CS J . -0.67 -10.32 29.01
O9' 8CS J . -0.36 -9.72 31.91
C9' 8CS J . -0.10 -8.80 30.85
C10 8CS J . -1.36 -8.00 30.56
O1 8CS J . -2.39 -8.87 30.08
P 8CS J . -2.13 -9.69 28.74
O2 8CS J . -2.07 -8.70 27.61
O4 8CS J . -3.16 -10.80 28.74
O4' 8CS K . 2.65 22.29 24.21
C4' 8CS K . 3.76 21.85 24.57
C4A 8CS K . 3.84 20.59 25.16
N5' 8CS K . 2.72 19.78 25.36
N3' 8CS K . 4.88 22.58 24.41
C2' 8CS K . 6.09 22.10 24.81
N2' 8CS K . 7.20 22.85 24.63
N1' 8CS K . 6.19 20.88 25.38
C4B 8CS K . 5.08 20.12 25.56
N8' 8CS K . 5.18 18.85 26.14
C7 8CS K . 4.08 17.98 26.27
C6' 8CS K . 2.75 18.72 26.28
C7' 8CS K . 1.59 17.82 25.98
O10 8CS K . 0.47 18.16 26.33
C8' 8CS K . 1.72 16.52 25.24
O3 8CS K . 1.24 16.74 23.89
O9' 8CS K . 4.12 17.06 25.17
C9' 8CS K . 3.16 16.00 25.31
C10 8CS K . 3.42 14.97 24.22
O1 8CS K . 3.28 15.60 22.96
P 8CS K . 1.83 16.14 22.52
O2 8CS K . 1.04 14.91 22.12
O4 8CS K . 2.02 17.27 21.54
O4' 8CS L . -19.14 2.36 -23.88
C4' 8CS L . -19.13 1.16 -24.21
C4A 8CS L . -18.03 0.62 -24.89
N5' 8CS L . -16.88 1.36 -25.22
N3' 8CS L . -20.20 0.37 -23.93
C2' 8CS L . -20.20 -0.95 -24.28
N2' 8CS L . -21.28 -1.73 -23.99
N1' 8CS L . -19.14 -1.48 -24.93
C4B 8CS L . -18.06 -0.73 -25.24
N8' 8CS L . -16.96 -1.29 -25.89
C7 8CS L . -15.76 -0.58 -26.09
C6' 8CS L . -16.05 0.91 -26.26
C7' 8CS L . -14.71 1.61 -26.38
O10 8CS L . -14.55 2.48 -27.21
C8' 8CS L . -13.54 1.27 -25.50
O3 8CS L . -13.51 2.14 -24.34
O9' 8CS L . -14.88 -0.74 -24.97
C9' 8CS L . -13.55 -0.25 -25.19
C10 8CS L . -12.64 -0.52 -24.01
O1 8CS L . -13.11 0.10 -22.82
P 8CS L . -13.51 1.66 -22.78
O2 8CS L . -12.44 2.39 -22.01
O4 8CS L . -14.94 1.72 -22.28
#